data_7CY7
#
_entry.id   7CY7
#
_cell.length_a   153.613
_cell.length_b   125.764
_cell.length_c   64.034
_cell.angle_alpha   90.000
_cell.angle_beta   102.820
_cell.angle_gamma   90.000
#
_symmetry.space_group_name_H-M   'C 1 2 1'
#
loop_
_entity.id
_entity.type
_entity.pdbx_description
1 polymer 'Maltodextrin-binding protein,5-methylcytosine-modifying enzyme 1'
2 polymer "DNA (5'-D(P*CP*GP*CP*GP*CP*GP*GP*GP*A)-3')"
3 non-polymer 1,2-ETHANEDIOL
4 non-polymer 'ISOPROPYL ALCOHOL'
5 non-polymer 'FE (II) ION'
6 water water
#
loop_
_entity_poly.entity_id
_entity_poly.type
_entity_poly.pdbx_seq_one_letter_code
_entity_poly.pdbx_strand_id
1 'polypeptide(L)'
;MKIEEGKLVIWINGDKGYNGLAEVGKKFEKDTGIKVTVEHPDKLEEKFPQVAATGDGPDIIFWAHDRFGGYAQSGLLAEI
TPAAAFQDKLYPFTWDAVRYNGKLIAYPIAVEALSLIYNKDLLPNPPKTWEEIPALDKELKAKGKSALMFNLQEPYFTWP
LIAADGGYAFKYAAGKYDIKDVGVDNAGAKAGLTFLVDLIKNKHMNADTDYSIAEAAFNKGETAMTINGPWAWSNIDTSA
VNYGVTVLPTFKGQPSKPFVGVLSAGINAASPNKELAKEFLENYLLTDEGLEAVNKDKPLGAVALKSYEEELAKDPRIAA
TMENAQKGEIMPNIPQMSAFWYAVRTAVINAASGRQTVDAALAAAQTNAARAAAMSVALASEYQLVQNAQLPQRWSQSAR
KSLAILEATARKEATAQMEAAGGSFCGQFPVDPAFKVLSLEYSAPNPDIARAIRRVDSVPNPPLPSHVVAIQSTAVDADL
SLAMGVSLTPGRHTSYLVDARALQQSNSAAVAARKADGDKWGPACDEMFRGCRCVTGQEVVFYTAVKEPAGEVEGGEGSL
FKPSFDGPAFRPSWGELSGKATGVVACVLQVPIGKETDIICAEYDNLVSKGQFATVDRFGGDHTVNMTGNALIQNDGKAI
SKGYAVAHRARVTSNVYGKANDVSLQRLAETVWSVVEKRLSFMPAYRDLVITEQGKPFMLGATATNIISLTENQGVMLHL
DTDDGVWTIILWFHRHSGIIAGGEFVLPSLGISFQPLDFTIVVFAANTIVHGTRPLQTTGKIIRWGSSHFLRFKDVNALA
QLGAAYGVDELDAKQRDQLEEVDAANSKDGVGAARRVASCMAAERKAAIEAQKAACVRGVVMNPCTGRMPSLLFWQVWRK
PPALAVRANAVAGKKRAAADVDFCGAAAALEHHHHHH
;
A
2 'polydeoxyribonucleotide' (DC)(DC)(DC)(DG)(DC)(DG)(DC)(DG)(DG)(DG)(DA)(DT)(DG)(DT) C,D
#
# COMPACT_ATOMS: atom_id res chain seq x y z
N ILE A 3 5.95 12.03 15.52
CA ILE A 3 6.38 11.55 16.87
C ILE A 3 6.82 12.75 17.72
N GLU A 4 6.17 12.92 18.87
CA GLU A 4 6.42 14.08 19.74
C GLU A 4 7.61 13.83 20.66
N GLU A 5 8.51 14.80 20.73
CA GLU A 5 9.67 14.71 21.61
C GLU A 5 9.23 14.76 23.06
N GLY A 6 9.95 14.01 23.89
CA GLY A 6 9.63 13.86 25.31
C GLY A 6 8.60 12.78 25.61
N LYS A 7 8.31 11.92 24.64
CA LYS A 7 7.26 10.92 24.76
C LYS A 7 7.65 9.65 24.01
N LEU A 8 6.93 8.56 24.29
CA LEU A 8 7.13 7.28 23.63
C LEU A 8 5.80 6.70 23.19
N VAL A 9 5.67 6.42 21.90
CA VAL A 9 4.53 5.70 21.33
C VAL A 9 5.04 4.38 20.77
N ILE A 10 4.33 3.29 21.07
CA ILE A 10 4.76 1.94 20.72
C ILE A 10 3.65 1.28 19.88
N TRP A 11 4.06 0.64 18.79
CA TRP A 11 3.16 -0.18 17.98
C TRP A 11 3.48 -1.66 18.20
N ILE A 12 2.42 -2.46 18.39
CA ILE A 12 2.56 -3.88 18.66
C ILE A 12 1.25 -4.53 18.24
N ASN A 13 1.33 -5.78 17.79
CA ASN A 13 0.16 -6.40 17.17
C ASN A 13 -0.93 -6.69 18.20
N GLY A 14 -2.17 -6.74 17.72
CA GLY A 14 -3.32 -6.91 18.61
C GLY A 14 -3.38 -8.24 19.34
N ASP A 15 -2.80 -9.29 18.75
CA ASP A 15 -2.76 -10.62 19.38
C ASP A 15 -1.70 -10.73 20.49
N LYS A 16 -1.06 -9.62 20.84
CA LYS A 16 -0.04 -9.60 21.88
C LYS A 16 -0.64 -9.09 23.19
N GLY A 17 0.21 -9.03 24.22
CA GLY A 17 -0.21 -8.53 25.53
C GLY A 17 0.05 -7.05 25.72
N TYR A 18 -0.65 -6.22 24.94
CA TYR A 18 -0.40 -4.77 24.97
C TYR A 18 -0.79 -4.12 26.29
N ASN A 19 -1.80 -4.65 26.96
CA ASN A 19 -2.17 -4.12 28.27
C ASN A 19 -1.04 -4.32 29.27
N GLY A 20 -0.49 -5.53 29.32
CA GLY A 20 0.71 -5.78 30.11
C GLY A 20 1.87 -4.87 29.73
N LEU A 21 2.09 -4.72 28.42
CA LEU A 21 3.09 -3.78 27.94
C LEU A 21 2.76 -2.35 28.39
N ALA A 22 1.48 -1.97 28.30
CA ALA A 22 1.05 -0.65 28.75
C ALA A 22 1.35 -0.44 30.24
N GLU A 23 1.22 -1.51 31.03
CA GLU A 23 1.56 -1.46 32.45
C GLU A 23 3.05 -1.14 32.65
N VAL A 24 3.91 -1.75 31.85
CA VAL A 24 5.34 -1.46 31.93
C VAL A 24 5.58 0.02 31.58
N GLY A 25 4.86 0.53 30.59
CA GLY A 25 4.86 1.96 30.31
C GLY A 25 4.39 2.79 31.51
N LYS A 26 3.31 2.36 32.15
CA LYS A 26 2.83 3.02 33.37
C LYS A 26 3.96 3.14 34.39
N LYS A 27 4.62 2.03 34.69
CA LYS A 27 5.73 2.05 35.64
C LYS A 27 6.89 2.91 35.14
N PHE A 28 7.12 2.91 33.83
CA PHE A 28 8.15 3.77 33.25
C PHE A 28 7.80 5.25 33.41
N GLU A 29 6.54 5.61 33.14
CA GLU A 29 6.09 6.99 33.30
C GLU A 29 6.23 7.46 34.75
N LYS A 30 6.05 6.53 35.70
CA LYS A 30 6.13 6.89 37.11
C LYS A 30 7.55 7.28 37.53
N ASP A 31 8.54 6.51 37.07
CA ASP A 31 9.93 6.77 37.44
C ASP A 31 10.55 7.95 36.68
N THR A 32 10.03 8.24 35.48
CA THR A 32 10.66 9.21 34.58
C THR A 32 9.81 10.41 34.22
N GLY A 33 8.48 10.30 34.36
CA GLY A 33 7.58 11.36 33.90
C GLY A 33 7.27 11.31 32.42
N ILE A 34 7.74 10.29 31.72
CA ILE A 34 7.57 10.18 30.27
C ILE A 34 6.41 9.22 30.02
N LYS A 35 5.31 9.75 29.46
CA LYS A 35 4.15 8.93 29.16
C LYS A 35 4.49 7.94 28.03
N VAL A 36 3.99 6.71 28.17
CA VAL A 36 4.17 5.68 27.16
C VAL A 36 2.79 5.24 26.66
N THR A 37 2.51 5.51 25.39
CA THR A 37 1.24 5.13 24.79
C THR A 37 1.44 3.90 23.92
N VAL A 38 0.71 2.83 24.25
CA VAL A 38 0.75 1.59 23.50
C VAL A 38 -0.48 1.52 22.59
N GLU A 39 -0.23 1.29 21.30
CA GLU A 39 -1.29 1.17 20.30
C GLU A 39 -1.08 -0.12 19.53
N HIS A 40 -2.18 -0.71 19.05
CA HIS A 40 -2.16 -1.92 18.23
C HIS A 40 -2.89 -1.68 16.91
N PRO A 41 -2.31 -0.88 16.01
CA PRO A 41 -2.97 -0.61 14.74
C PRO A 41 -3.27 -1.87 13.93
N ASP A 42 -4.26 -1.75 13.06
CA ASP A 42 -4.58 -2.82 12.12
C ASP A 42 -3.57 -2.81 10.97
N LYS A 43 -3.39 -3.97 10.34
CA LYS A 43 -2.46 -4.14 9.22
C LYS A 43 -1.09 -3.58 9.58
N LEU A 44 -0.60 -3.97 10.76
CA LEU A 44 0.57 -3.35 11.34
C LEU A 44 1.84 -3.58 10.50
N GLU A 45 1.96 -4.77 9.95
CA GLU A 45 3.11 -5.12 9.12
C GLU A 45 3.24 -4.17 7.92
N GLU A 46 2.11 -3.78 7.34
CA GLU A 46 2.10 -2.85 6.22
C GLU A 46 2.11 -1.39 6.67
N LYS A 47 1.45 -1.10 7.79
CA LYS A 47 1.29 0.29 8.20
C LYS A 47 2.60 0.95 8.61
N PHE A 48 3.49 0.19 9.26
CA PHE A 48 4.75 0.77 9.71
C PHE A 48 5.66 1.26 8.58
N PRO A 49 5.95 0.40 7.56
CA PRO A 49 6.84 0.91 6.49
C PRO A 49 6.23 2.06 5.69
N GLN A 50 4.91 2.04 5.51
CA GLN A 50 4.22 3.15 4.86
C GLN A 50 4.34 4.45 5.67
N VAL A 51 4.14 4.38 6.98
CA VAL A 51 4.16 5.60 7.79
C VAL A 51 5.58 6.02 8.15
N ALA A 52 6.47 5.08 8.41
CA ALA A 52 7.82 5.45 8.77
C ALA A 52 8.61 5.95 7.60
N ALA A 53 8.22 5.57 6.41
CA ALA A 53 8.88 6.05 5.23
C ALA A 53 8.73 7.58 5.11
N THR A 54 7.66 8.14 5.67
CA THR A 54 7.42 9.56 5.69
C THR A 54 7.97 10.21 6.96
N GLY A 55 8.85 9.54 7.67
CA GLY A 55 9.41 10.09 8.90
C GLY A 55 8.43 10.19 10.02
N ASP A 56 7.27 9.56 9.92
CA ASP A 56 6.31 9.57 11.02
C ASP A 56 6.16 8.16 11.56
N GLY A 57 5.20 7.98 12.47
CA GLY A 57 4.90 6.68 13.05
C GLY A 57 5.40 6.54 14.47
N PRO A 58 5.46 5.30 14.98
CA PRO A 58 5.79 5.08 16.38
C PRO A 58 7.27 5.27 16.66
N ASP A 59 7.60 5.41 17.93
CA ASP A 59 9.00 5.40 18.38
C ASP A 59 9.55 3.97 18.38
N ILE A 60 8.69 3.01 18.73
CA ILE A 60 9.09 1.61 18.86
C ILE A 60 8.06 0.76 18.12
N ILE A 61 8.56 -0.22 17.37
CA ILE A 61 7.73 -1.16 16.63
C ILE A 61 8.08 -2.57 17.08
N PHE A 62 7.03 -3.38 17.34
CA PHE A 62 7.14 -4.77 17.76
C PHE A 62 6.63 -5.67 16.63
N TRP A 63 7.51 -6.51 16.09
CA TRP A 63 7.12 -7.42 15.02
C TRP A 63 8.14 -8.54 14.90
N ALA A 64 7.75 -9.58 14.18
CA ALA A 64 8.66 -10.66 13.80
C ALA A 64 9.94 -10.10 13.17
N HIS A 65 11.07 -10.63 13.61
CA HIS A 65 12.37 -10.11 13.19
C HIS A 65 12.59 -10.15 11.68
N ASP A 66 11.92 -11.09 10.98
CA ASP A 66 12.19 -11.28 9.56
C ASP A 66 11.84 -10.05 8.73
N ARG A 67 10.83 -9.30 9.15
CA ARG A 67 10.47 -8.08 8.41
C ARG A 67 11.47 -6.95 8.60
N PHE A 68 12.22 -6.99 9.71
CA PHE A 68 13.08 -5.85 10.08
C PHE A 68 14.29 -5.68 9.18
N GLY A 69 14.69 -6.71 8.45
CA GLY A 69 15.76 -6.54 7.47
C GLY A 69 15.33 -5.69 6.30
N GLY A 70 14.11 -5.89 5.83
CA GLY A 70 13.54 -5.00 4.80
C GLY A 70 13.46 -3.57 5.28
N TYR A 71 13.02 -3.38 6.53
CA TYR A 71 12.98 -2.04 7.12
C TYR A 71 14.36 -1.40 7.12
N ALA A 72 15.37 -2.16 7.51
CA ALA A 72 16.74 -1.63 7.57
C ALA A 72 17.24 -1.20 6.19
N GLN A 73 16.99 -2.03 5.18
CA GLN A 73 17.30 -1.67 3.78
C GLN A 73 16.72 -0.30 3.42
N SER A 74 15.55 0.02 3.94
CA SER A 74 14.89 1.30 3.71
C SER A 74 15.30 2.39 4.69
N GLY A 75 16.24 2.10 5.60
CA GLY A 75 16.67 3.07 6.59
C GLY A 75 15.61 3.52 7.57
N LEU A 76 14.66 2.64 7.90
CA LEU A 76 13.58 2.98 8.80
C LEU A 76 13.91 2.76 10.27
N LEU A 77 15.03 2.11 10.57
CA LEU A 77 15.35 1.69 11.93
C LEU A 77 16.66 2.31 12.41
N ALA A 78 16.67 2.70 13.68
CA ALA A 78 17.88 3.22 14.32
C ALA A 78 18.79 2.06 14.71
N GLU A 79 20.08 2.25 14.53
CA GLU A 79 21.03 1.27 15.05
C GLU A 79 20.90 1.19 16.57
N ILE A 80 20.91 -0.02 17.09
CA ILE A 80 20.77 -0.27 18.51
C ILE A 80 22.15 -0.48 19.09
N THR A 81 22.39 0.05 20.29
CA THR A 81 23.72 0.05 20.89
C THR A 81 23.64 -0.45 22.34
N PRO A 82 23.47 -1.76 22.53
CA PRO A 82 23.48 -2.29 23.89
C PRO A 82 24.89 -2.56 24.37
N ALA A 83 25.12 -2.33 25.66
CA ALA A 83 26.39 -2.71 26.28
C ALA A 83 26.56 -4.22 26.22
N ALA A 84 27.82 -4.66 26.24
CA ALA A 84 28.12 -6.09 26.26
C ALA A 84 27.51 -6.77 27.48
N ALA A 85 27.43 -6.05 28.60
CA ALA A 85 26.80 -6.57 29.81
C ALA A 85 25.31 -6.83 29.58
N PHE A 86 24.66 -5.95 28.82
CA PHE A 86 23.24 -6.17 28.51
C PHE A 86 23.07 -7.32 27.52
N GLN A 87 23.86 -7.34 26.46
CA GLN A 87 23.78 -8.39 25.45
C GLN A 87 23.96 -9.79 26.08
N ASP A 88 24.76 -9.88 27.14
CA ASP A 88 24.95 -11.16 27.83
C ASP A 88 23.68 -11.70 28.46
N LYS A 89 22.69 -10.83 28.72
CA LYS A 89 21.45 -11.25 29.36
C LYS A 89 20.49 -11.98 28.41
N LEU A 90 20.68 -11.82 27.11
CA LEU A 90 19.84 -12.52 26.13
C LEU A 90 20.67 -13.61 25.45
N TYR A 91 19.99 -14.67 25.02
CA TYR A 91 20.68 -15.74 24.32
C TYR A 91 21.40 -15.19 23.07
N PRO A 92 22.61 -15.68 22.78
CA PRO A 92 23.34 -15.14 21.63
C PRO A 92 22.63 -15.30 20.26
N PHE A 93 21.91 -16.39 20.05
CA PHE A 93 21.27 -16.61 18.75
C PHE A 93 20.13 -15.62 18.51
N THR A 94 19.49 -15.12 19.57
CA THR A 94 18.46 -14.12 19.39
C THR A 94 19.04 -12.79 18.89
N TRP A 95 20.28 -12.46 19.26
CA TRP A 95 20.93 -11.28 18.67
C TRP A 95 21.22 -11.48 17.19
N ASP A 96 21.64 -12.68 16.80
CA ASP A 96 21.86 -12.95 15.37
C ASP A 96 20.61 -12.68 14.55
N ALA A 97 19.43 -12.88 15.15
CA ALA A 97 18.16 -12.64 14.46
C ALA A 97 17.90 -11.15 14.19
N VAL A 98 18.61 -10.25 14.87
CA VAL A 98 18.35 -8.82 14.70
C VAL A 98 19.59 -8.07 14.21
N ARG A 99 20.37 -8.72 13.35
CA ARG A 99 21.53 -8.08 12.70
C ARG A 99 21.25 -7.86 11.22
N TYR A 100 21.54 -6.65 10.75
CA TYR A 100 21.52 -6.36 9.32
C TYR A 100 22.77 -5.59 8.95
N ASN A 101 23.54 -6.11 7.99
CA ASN A 101 24.80 -5.52 7.55
C ASN A 101 25.75 -5.30 8.74
N GLY A 102 25.78 -6.28 9.63
CA GLY A 102 26.61 -6.21 10.83
C GLY A 102 26.11 -5.30 11.94
N LYS A 103 24.96 -4.65 11.77
CA LYS A 103 24.43 -3.73 12.77
C LYS A 103 23.25 -4.38 13.49
N LEU A 104 23.23 -4.26 14.81
CA LEU A 104 22.04 -4.60 15.58
C LEU A 104 20.94 -3.59 15.31
N ILE A 105 19.76 -4.08 14.94
CA ILE A 105 18.66 -3.23 14.50
C ILE A 105 17.41 -3.36 15.36
N ALA A 106 17.44 -4.17 16.42
CA ALA A 106 16.28 -4.36 17.29
C ALA A 106 16.66 -5.12 18.55
N TYR A 107 15.78 -5.09 19.53
CA TYR A 107 15.93 -5.91 20.73
C TYR A 107 15.06 -7.16 20.61
N PRO A 108 15.64 -8.36 20.74
CA PRO A 108 14.80 -9.56 20.77
C PRO A 108 13.94 -9.59 22.03
N ILE A 109 12.77 -10.20 21.92
CA ILE A 109 11.85 -10.29 23.04
C ILE A 109 11.43 -11.72 23.29
N ALA A 110 10.90 -12.36 22.25
CA ALA A 110 10.33 -13.70 22.37
C ALA A 110 10.82 -14.56 21.22
N VAL A 111 10.72 -15.87 21.40
CA VAL A 111 11.25 -16.85 20.47
C VAL A 111 10.19 -17.90 20.24
N GLU A 112 9.82 -18.13 18.98
CA GLU A 112 8.82 -19.15 18.67
C GLU A 112 9.30 -20.06 17.54
N ALA A 113 8.87 -21.32 17.62
CA ALA A 113 9.13 -22.31 16.59
C ALA A 113 8.11 -23.44 16.75
N LEU A 114 7.92 -24.20 15.68
CA LEU A 114 7.03 -25.36 15.71
C LEU A 114 7.55 -26.45 16.63
N SER A 115 6.63 -27.14 17.29
CA SER A 115 6.98 -28.34 18.04
C SER A 115 6.07 -29.48 17.65
N LEU A 116 6.41 -30.66 18.17
CA LEU A 116 5.56 -31.83 18.05
C LEU A 116 4.57 -31.82 19.21
N ILE A 117 3.29 -31.91 18.89
CA ILE A 117 2.23 -31.96 19.88
C ILE A 117 1.63 -33.35 19.83
N TYR A 118 1.48 -34.01 20.97
CA TYR A 118 0.99 -35.38 20.98
C TYR A 118 -0.05 -35.61 22.05
N ASN A 119 -0.98 -36.52 21.75
CA ASN A 119 -2.03 -36.94 22.69
C ASN A 119 -1.45 -38.00 23.62
N LYS A 120 -1.38 -37.68 24.92
CA LYS A 120 -0.79 -38.60 25.89
C LYS A 120 -1.57 -39.90 26.06
N ASP A 121 -2.88 -39.88 25.83
CA ASP A 121 -3.69 -41.08 26.04
C ASP A 121 -3.58 -42.03 24.86
N LEU A 122 -3.59 -41.49 23.65
CA LEU A 122 -3.39 -42.28 22.45
C LEU A 122 -1.94 -42.69 22.26
N LEU A 123 -1.00 -41.98 22.88
CA LEU A 123 0.42 -42.13 22.56
C LEU A 123 1.29 -41.66 23.71
N PRO A 124 1.50 -42.51 24.72
CA PRO A 124 2.26 -42.06 25.90
C PRO A 124 3.72 -41.73 25.62
N ASN A 125 4.34 -42.43 24.67
CA ASN A 125 5.73 -42.14 24.28
C ASN A 125 5.77 -41.79 22.80
N PRO A 126 5.82 -40.48 22.47
CA PRO A 126 5.81 -40.10 21.06
C PRO A 126 7.12 -40.51 20.37
N PRO A 127 7.07 -40.76 19.06
CA PRO A 127 8.26 -41.22 18.35
C PRO A 127 9.39 -40.19 18.33
N LYS A 128 10.63 -40.68 18.40
CA LYS A 128 11.79 -39.80 18.24
C LYS A 128 12.16 -39.56 16.78
N THR A 129 11.69 -40.40 15.86
CA THR A 129 12.10 -40.34 14.47
C THR A 129 10.88 -40.24 13.57
N TRP A 130 11.03 -39.51 12.47
CA TRP A 130 10.01 -39.55 11.43
C TRP A 130 9.81 -40.96 10.89
N GLU A 131 10.91 -41.72 10.81
CA GLU A 131 10.87 -43.05 10.22
C GLU A 131 9.91 -43.99 10.97
N GLU A 132 9.74 -43.77 12.27
CA GLU A 132 8.79 -44.57 13.07
C GLU A 132 7.33 -44.37 12.69
N ILE A 133 6.99 -43.24 12.08
CA ILE A 133 5.61 -42.81 11.94
C ILE A 133 4.75 -43.74 11.06
N PRO A 134 5.30 -44.30 9.97
CA PRO A 134 4.49 -45.26 9.20
C PRO A 134 3.98 -46.45 10.02
N ALA A 135 4.89 -47.13 10.73
CA ALA A 135 4.47 -48.28 11.55
C ALA A 135 3.46 -47.84 12.63
N LEU A 136 3.79 -46.75 13.33
CA LEU A 136 2.91 -46.22 14.36
C LEU A 136 1.51 -45.89 13.81
N ASP A 137 1.44 -45.40 12.58
CA ASP A 137 0.14 -45.10 11.97
C ASP A 137 -0.65 -46.37 11.66
N LYS A 138 0.05 -47.45 11.33
CA LYS A 138 -0.62 -48.73 11.09
C LYS A 138 -1.33 -49.22 12.37
N GLU A 139 -0.67 -49.11 13.51
CA GLU A 139 -1.30 -49.44 14.80
C GLU A 139 -2.58 -48.62 15.01
N LEU A 140 -2.44 -47.30 14.91
CA LEU A 140 -3.55 -46.41 15.26
C LEU A 140 -4.66 -46.46 14.22
N LYS A 141 -4.33 -46.76 12.98
CA LYS A 141 -5.36 -47.00 11.98
C LYS A 141 -6.24 -48.19 12.36
N ALA A 142 -5.61 -49.24 12.89
CA ALA A 142 -6.36 -50.38 13.42
C ALA A 142 -7.34 -49.94 14.52
N LYS A 143 -6.90 -49.00 15.35
CA LYS A 143 -7.73 -48.48 16.44
C LYS A 143 -8.77 -47.45 15.98
N GLY A 144 -8.88 -47.19 14.68
CA GLY A 144 -9.74 -46.13 14.19
C GLY A 144 -9.20 -44.72 14.42
N LYS A 145 -7.87 -44.57 14.41
CA LYS A 145 -7.22 -43.27 14.62
C LYS A 145 -6.14 -43.09 13.56
N SER A 146 -5.37 -42.00 13.68
CA SER A 146 -4.20 -41.77 12.83
C SER A 146 -3.02 -41.27 13.64
N ALA A 147 -1.82 -41.49 13.12
CA ALA A 147 -0.60 -41.09 13.82
C ALA A 147 -0.44 -39.56 13.87
N LEU A 148 -0.63 -38.89 12.74
CA LEU A 148 -0.17 -37.51 12.59
C LEU A 148 -0.99 -36.75 11.56
N MET A 149 -1.48 -35.57 11.94
CA MET A 149 -2.08 -34.62 10.99
C MET A 149 -1.55 -33.22 11.27
N PHE A 150 -1.02 -32.57 10.24
CA PHE A 150 -0.62 -31.18 10.34
C PHE A 150 -0.80 -30.49 9.00
N ASN A 151 -0.74 -29.17 9.01
CA ASN A 151 -1.02 -28.36 7.83
C ASN A 151 -0.01 -28.64 6.72
N LEU A 152 -0.45 -29.28 5.64
CA LEU A 152 0.45 -29.59 4.53
C LEU A 152 0.45 -28.54 3.44
N GLN A 153 -0.42 -27.53 3.55
CA GLN A 153 -0.57 -26.53 2.49
C GLN A 153 0.48 -25.41 2.57
N GLU A 154 1.03 -25.15 3.75
CA GLU A 154 1.95 -24.03 3.91
C GLU A 154 3.34 -24.55 4.21
N PRO A 155 4.35 -24.15 3.42
CA PRO A 155 5.69 -24.71 3.62
C PRO A 155 6.36 -24.33 4.94
N TYR A 156 5.88 -23.28 5.62
CA TYR A 156 6.32 -23.04 6.99
C TYR A 156 6.18 -24.30 7.84
N PHE A 157 5.13 -25.07 7.60
CA PHE A 157 4.84 -26.26 8.40
C PHE A 157 5.57 -27.51 7.94
N THR A 158 5.79 -27.67 6.64
CA THR A 158 6.45 -28.86 6.11
C THR A 158 7.95 -28.70 5.98
N TRP A 159 8.44 -27.46 6.00
CA TRP A 159 9.88 -27.19 5.91
C TRP A 159 10.76 -27.87 6.98
N PRO A 160 10.29 -28.01 8.23
CA PRO A 160 11.21 -28.64 9.21
C PRO A 160 11.68 -30.03 8.79
N LEU A 161 10.80 -30.82 8.18
CA LEU A 161 11.19 -32.14 7.68
C LEU A 161 12.09 -32.01 6.43
N ILE A 162 11.68 -31.16 5.49
CA ILE A 162 12.44 -30.97 4.25
C ILE A 162 13.86 -30.49 4.52
N ALA A 163 14.03 -29.66 5.55
CA ALA A 163 15.33 -29.07 5.81
C ALA A 163 16.22 -29.92 6.71
N ALA A 164 15.67 -30.95 7.35
CA ALA A 164 16.41 -31.71 8.35
C ALA A 164 17.74 -32.24 7.81
N ASP A 165 17.71 -32.81 6.61
CA ASP A 165 18.88 -33.45 6.01
C ASP A 165 19.66 -32.53 5.08
N GLY A 166 19.36 -31.23 5.06
CA GLY A 166 20.20 -30.31 4.28
C GLY A 166 19.56 -29.18 3.50
N GLY A 167 18.24 -29.10 3.42
CA GLY A 167 17.61 -27.95 2.76
C GLY A 167 17.93 -26.65 3.47
N TYR A 168 17.89 -25.55 2.73
CA TYR A 168 17.99 -24.22 3.34
C TYR A 168 17.42 -23.20 2.37
N ALA A 169 17.13 -22.01 2.87
CA ALA A 169 16.48 -21.00 2.02
C ALA A 169 17.53 -20.26 1.18
N PHE A 170 18.26 -19.36 1.82
CA PHE A 170 19.38 -18.69 1.19
C PHE A 170 20.62 -18.96 2.02
N LYS A 171 21.76 -19.13 1.37
CA LYS A 171 23.01 -19.36 2.11
C LYS A 171 23.37 -18.12 2.92
N TYR A 172 23.76 -18.32 4.17
CA TYR A 172 24.25 -17.22 5.01
C TYR A 172 25.76 -17.34 5.13
N ALA A 173 26.46 -16.23 4.93
CA ALA A 173 27.91 -16.20 5.04
C ALA A 173 28.40 -14.76 5.13
N ALA A 174 29.32 -14.49 6.06
CA ALA A 174 29.89 -13.15 6.24
C ALA A 174 28.82 -12.10 6.54
N GLY A 175 27.89 -12.45 7.43
CA GLY A 175 26.85 -11.51 7.84
C GLY A 175 25.79 -11.18 6.80
N LYS A 176 25.71 -11.95 5.70
CA LYS A 176 24.75 -11.65 4.63
C LYS A 176 24.20 -12.93 4.01
N TYR A 177 22.93 -12.88 3.62
CA TYR A 177 22.33 -13.95 2.82
C TYR A 177 22.65 -13.76 1.35
N ASP A 178 23.08 -14.83 0.69
CA ASP A 178 23.34 -14.81 -0.75
C ASP A 178 22.09 -15.28 -1.48
N ILE A 179 21.38 -14.34 -2.09
CA ILE A 179 20.15 -14.64 -2.81
C ILE A 179 20.36 -15.44 -4.10
N LYS A 180 21.61 -15.63 -4.52
CA LYS A 180 21.89 -16.51 -5.65
C LYS A 180 22.02 -17.97 -5.24
N ASP A 181 22.08 -18.24 -3.94
CA ASP A 181 22.35 -19.56 -3.40
C ASP A 181 21.12 -20.03 -2.63
N VAL A 182 20.26 -20.78 -3.32
CA VAL A 182 19.04 -21.32 -2.72
C VAL A 182 19.27 -22.80 -2.45
N GLY A 183 18.81 -23.28 -1.30
CA GLY A 183 19.10 -24.65 -0.88
C GLY A 183 17.93 -25.60 -1.01
N VAL A 184 17.16 -25.44 -2.06
CA VAL A 184 15.90 -26.15 -2.23
C VAL A 184 16.07 -27.48 -3.00
N ASP A 185 17.15 -27.61 -3.76
CA ASP A 185 17.33 -28.67 -4.76
C ASP A 185 18.47 -29.63 -4.41
N ASN A 186 18.91 -29.66 -3.16
CA ASN A 186 19.97 -30.59 -2.80
C ASN A 186 19.39 -31.92 -2.33
N ALA A 187 20.27 -32.88 -2.09
CA ALA A 187 19.84 -34.22 -1.73
C ALA A 187 19.08 -34.28 -0.41
N GLY A 188 19.48 -33.46 0.55
CA GLY A 188 18.78 -33.41 1.82
C GLY A 188 17.33 -32.97 1.66
N ALA A 189 17.14 -31.85 0.96
CA ALA A 189 15.78 -31.38 0.70
C ALA A 189 14.98 -32.46 -0.03
N LYS A 190 15.59 -33.10 -1.03
CA LYS A 190 14.90 -34.11 -1.82
C LYS A 190 14.47 -35.30 -0.97
N ALA A 191 15.39 -35.77 -0.12
CA ALA A 191 15.08 -36.86 0.81
C ALA A 191 13.91 -36.51 1.71
N GLY A 192 13.93 -35.30 2.29
CA GLY A 192 12.85 -34.88 3.19
C GLY A 192 11.49 -34.84 2.51
N LEU A 193 11.42 -34.17 1.37
CA LEU A 193 10.16 -34.09 0.63
C LEU A 193 9.70 -35.47 0.16
N THR A 194 10.65 -36.31 -0.23
CA THR A 194 10.32 -37.68 -0.64
C THR A 194 9.66 -38.45 0.51
N PHE A 195 10.25 -38.36 1.69
CA PHE A 195 9.63 -39.00 2.84
C PHE A 195 8.22 -38.45 3.07
N LEU A 196 8.06 -37.14 2.91
CA LEU A 196 6.75 -36.53 3.08
C LEU A 196 5.73 -37.09 2.07
N VAL A 197 6.13 -37.19 0.81
CA VAL A 197 5.20 -37.65 -0.22
C VAL A 197 4.96 -39.16 -0.10
N ASP A 198 5.99 -39.92 0.27
CA ASP A 198 5.77 -41.33 0.61
C ASP A 198 4.78 -41.53 1.73
N LEU A 199 4.74 -40.62 2.71
CA LEU A 199 3.71 -40.69 3.75
C LEU A 199 2.32 -40.58 3.16
N ILE A 200 2.15 -39.70 2.18
CA ILE A 200 0.87 -39.54 1.51
C ILE A 200 0.63 -40.72 0.56
N LYS A 201 1.69 -41.17 -0.12
CA LYS A 201 1.58 -42.29 -1.05
C LYS A 201 1.04 -43.54 -0.35
N ASN A 202 1.50 -43.77 0.89
CA ASN A 202 1.04 -44.90 1.69
C ASN A 202 -0.14 -44.56 2.60
N LYS A 203 -0.87 -43.48 2.27
CA LYS A 203 -2.13 -43.12 2.93
C LYS A 203 -2.01 -42.80 4.42
N HIS A 204 -0.79 -42.58 4.91
CA HIS A 204 -0.61 -42.17 6.31
C HIS A 204 -0.98 -40.70 6.52
N MET A 205 -0.96 -39.89 5.45
CA MET A 205 -1.43 -38.50 5.52
C MET A 205 -2.20 -38.17 4.25
N ASN A 206 -3.10 -37.19 4.37
CA ASN A 206 -3.94 -36.73 3.25
C ASN A 206 -3.35 -35.45 2.69
N ALA A 207 -3.10 -35.43 1.39
CA ALA A 207 -2.52 -34.27 0.71
C ALA A 207 -3.37 -33.01 0.86
N ASP A 208 -4.64 -33.16 1.22
CA ASP A 208 -5.55 -32.02 1.39
C ASP A 208 -5.56 -31.45 2.81
N THR A 209 -4.85 -32.06 3.76
CA THR A 209 -4.89 -31.58 5.14
C THR A 209 -4.31 -30.17 5.25
N ASP A 210 -5.08 -29.29 5.90
CA ASP A 210 -4.69 -27.89 6.08
C ASP A 210 -4.68 -27.54 7.57
N TYR A 211 -4.56 -26.26 7.89
CA TYR A 211 -4.52 -25.85 9.28
C TYR A 211 -5.78 -26.27 10.04
N SER A 212 -6.95 -25.94 9.50
CA SER A 212 -8.21 -26.13 10.23
C SER A 212 -8.56 -27.61 10.41
N ILE A 213 -8.32 -28.41 9.37
CA ILE A 213 -8.56 -29.84 9.44
C ILE A 213 -7.66 -30.50 10.49
N ALA A 214 -6.39 -30.10 10.53
CA ALA A 214 -5.46 -30.74 11.48
C ALA A 214 -5.80 -30.34 12.91
N GLU A 215 -6.06 -29.06 13.11
CA GLU A 215 -6.36 -28.57 14.44
C GLU A 215 -7.62 -29.24 14.99
N ALA A 216 -8.65 -29.33 14.15
CA ALA A 216 -9.91 -29.93 14.59
C ALA A 216 -9.71 -31.42 14.90
N ALA A 217 -8.95 -32.12 14.06
CA ALA A 217 -8.74 -33.55 14.27
C ALA A 217 -7.92 -33.83 15.52
N PHE A 218 -6.91 -33.01 15.80
CA PHE A 218 -6.13 -33.25 17.00
C PHE A 218 -6.91 -32.87 18.25
N ASN A 219 -7.59 -31.73 18.22
CA ASN A 219 -8.32 -31.28 19.40
C ASN A 219 -9.56 -32.09 19.69
N LYS A 220 -10.01 -32.91 18.73
CA LYS A 220 -11.14 -33.82 18.92
C LYS A 220 -10.73 -35.24 19.27
N GLY A 221 -9.43 -35.51 19.40
CA GLY A 221 -8.96 -36.82 19.81
C GLY A 221 -8.77 -37.83 18.70
N GLU A 222 -8.81 -37.39 17.45
CA GLU A 222 -8.84 -38.30 16.30
C GLU A 222 -7.45 -38.66 15.76
N THR A 223 -6.46 -37.79 16.00
CA THR A 223 -5.09 -38.09 15.61
C THR A 223 -4.20 -37.96 16.84
N ALA A 224 -3.13 -38.75 16.87
CA ALA A 224 -2.24 -38.80 18.02
C ALA A 224 -1.22 -37.64 18.04
N MET A 225 -0.92 -37.04 16.90
CA MET A 225 0.06 -35.95 16.85
C MET A 225 -0.35 -34.88 15.86
N THR A 226 0.09 -33.66 16.13
CA THR A 226 0.09 -32.60 15.15
C THR A 226 1.40 -31.83 15.27
N ILE A 227 1.58 -30.84 14.41
CA ILE A 227 2.76 -29.98 14.45
C ILE A 227 2.26 -28.55 14.42
N ASN A 228 2.55 -27.81 15.46
CA ASN A 228 2.05 -26.44 15.56
C ASN A 228 2.89 -25.64 16.54
N GLY A 229 2.65 -24.33 16.56
CA GLY A 229 3.40 -23.41 17.41
C GLY A 229 2.65 -23.04 18.67
N PRO A 230 3.26 -22.18 19.51
CA PRO A 230 2.64 -21.86 20.79
C PRO A 230 1.29 -21.13 20.70
N TRP A 231 0.99 -20.52 19.56
CA TRP A 231 -0.30 -19.87 19.36
C TRP A 231 -1.48 -20.84 19.38
N ALA A 232 -1.24 -22.13 19.18
CA ALA A 232 -2.32 -23.11 19.14
C ALA A 232 -2.64 -23.71 20.51
N TRP A 233 -1.86 -23.41 21.53
CA TRP A 233 -2.02 -24.10 22.82
C TRP A 233 -3.33 -23.74 23.51
N SER A 234 -3.73 -22.47 23.41
CA SER A 234 -4.97 -22.00 24.02
C SER A 234 -6.17 -22.84 23.61
N ASN A 235 -6.34 -23.01 22.30
CA ASN A 235 -7.41 -23.84 21.76
C ASN A 235 -7.36 -25.28 22.27
N ILE A 236 -6.17 -25.88 22.29
CA ILE A 236 -6.06 -27.23 22.82
C ILE A 236 -6.41 -27.26 24.32
N ASP A 237 -6.12 -26.16 25.01
CA ASP A 237 -6.40 -26.08 26.43
C ASP A 237 -7.89 -26.05 26.74
N THR A 238 -8.74 -25.65 25.80
CA THR A 238 -10.19 -25.68 25.99
C THR A 238 -10.79 -27.06 25.70
N SER A 239 -10.01 -27.98 25.12
CA SER A 239 -10.49 -29.29 24.71
C SER A 239 -10.26 -30.32 25.80
N ALA A 240 -10.72 -31.55 25.53
CA ALA A 240 -10.57 -32.65 26.48
C ALA A 240 -9.26 -33.41 26.32
N VAL A 241 -8.40 -33.00 25.39
CA VAL A 241 -7.21 -33.78 25.07
C VAL A 241 -6.13 -33.54 26.12
N ASN A 242 -5.59 -34.63 26.67
CA ASN A 242 -4.36 -34.59 27.46
C ASN A 242 -3.17 -34.61 26.52
N TYR A 243 -2.39 -33.52 26.50
CA TYR A 243 -1.37 -33.37 25.48
C TYR A 243 -0.03 -32.96 26.04
N GLY A 244 1.01 -33.29 25.28
CA GLY A 244 2.35 -32.82 25.53
C GLY A 244 2.91 -32.11 24.31
N VAL A 245 4.02 -31.43 24.52
CA VAL A 245 4.73 -30.71 23.48
C VAL A 245 6.21 -31.07 23.62
N THR A 246 6.81 -31.56 22.54
CA THR A 246 8.17 -32.10 22.65
C THR A 246 8.99 -31.78 21.40
N VAL A 247 10.22 -32.23 21.41
CA VAL A 247 11.13 -32.15 20.26
C VAL A 247 10.46 -32.72 19.03
N LEU A 248 10.67 -32.07 17.89
CA LEU A 248 10.22 -32.67 16.64
C LEU A 248 10.99 -33.97 16.38
N PRO A 249 10.39 -34.92 15.66
CA PRO A 249 11.13 -36.12 15.30
C PRO A 249 12.37 -35.79 14.47
N THR A 250 13.39 -36.64 14.61
CA THR A 250 14.55 -36.57 13.74
C THR A 250 14.26 -37.24 12.39
N PHE A 251 15.06 -36.89 11.39
CA PHE A 251 15.01 -37.53 10.06
C PHE A 251 16.43 -37.86 9.66
N LYS A 252 16.69 -39.13 9.37
CA LYS A 252 18.06 -39.61 9.09
C LYS A 252 19.00 -39.22 10.24
N GLY A 253 18.49 -39.36 11.46
CA GLY A 253 19.24 -38.95 12.64
C GLY A 253 19.49 -37.47 12.76
N GLN A 254 18.98 -36.67 11.84
CA GLN A 254 19.14 -35.24 11.96
CA GLN A 254 19.16 -35.25 12.05
C GLN A 254 17.89 -34.63 12.59
N PRO A 255 18.05 -33.59 13.43
CA PRO A 255 16.86 -32.91 13.95
C PRO A 255 16.10 -32.19 12.84
N SER A 256 14.77 -32.18 12.96
CA SER A 256 13.96 -31.28 12.13
C SER A 256 14.38 -29.84 12.41
N LYS A 257 14.33 -29.01 11.37
CA LYS A 257 14.82 -27.63 11.42
C LYS A 257 13.67 -26.66 11.15
N PRO A 258 12.82 -26.41 12.16
CA PRO A 258 11.76 -25.42 11.99
C PRO A 258 12.34 -24.02 11.85
N PHE A 259 11.67 -23.17 11.09
CA PHE A 259 12.03 -21.75 11.10
C PHE A 259 11.77 -21.14 12.48
N VAL A 260 12.64 -20.23 12.88
CA VAL A 260 12.56 -19.56 14.17
C VAL A 260 12.12 -18.13 13.90
N GLY A 261 11.16 -17.65 14.68
CA GLY A 261 10.73 -16.26 14.60
C GLY A 261 11.03 -15.59 15.92
N VAL A 262 11.58 -14.39 15.89
CA VAL A 262 11.92 -13.69 17.12
C VAL A 262 11.14 -12.38 17.13
N LEU A 263 10.14 -12.30 18.01
CA LEU A 263 9.46 -11.04 18.25
C LEU A 263 10.50 -10.03 18.75
N SER A 264 10.57 -8.90 18.07
CA SER A 264 11.62 -7.92 18.30
C SER A 264 11.05 -6.52 18.41
N ALA A 265 11.78 -5.66 19.11
CA ALA A 265 11.44 -4.25 19.27
C ALA A 265 12.47 -3.40 18.54
N GLY A 266 12.02 -2.69 17.49
CA GLY A 266 12.90 -1.80 16.75
C GLY A 266 12.66 -0.35 17.10
N ILE A 267 13.66 0.50 16.86
CA ILE A 267 13.58 1.93 17.13
C ILE A 267 13.54 2.69 15.81
N ASN A 268 12.47 3.46 15.61
CA ASN A 268 12.26 4.28 14.41
C ASN A 268 13.43 5.23 14.18
N ALA A 269 13.98 5.22 12.97
CA ALA A 269 15.11 6.11 12.65
C ALA A 269 14.74 7.59 12.78
N ALA A 270 13.46 7.90 12.61
CA ALA A 270 12.94 9.27 12.72
C ALA A 270 12.50 9.62 14.14
N SER A 271 12.94 8.86 15.14
CA SER A 271 12.50 9.09 16.50
C SER A 271 13.42 10.10 17.20
N PRO A 272 12.83 11.15 17.80
CA PRO A 272 13.66 12.04 18.63
C PRO A 272 14.00 11.43 19.99
N ASN A 273 13.41 10.29 20.33
CA ASN A 273 13.46 9.73 21.68
C ASN A 273 14.24 8.42 21.74
N LYS A 274 15.33 8.32 20.99
CA LYS A 274 16.06 7.06 20.87
C LYS A 274 16.67 6.60 22.20
N GLU A 275 17.25 7.52 22.95
CA GLU A 275 17.82 7.15 24.25
C GLU A 275 16.73 6.84 25.27
N LEU A 276 15.62 7.57 25.20
CA LEU A 276 14.46 7.24 26.02
C LEU A 276 13.93 5.84 25.65
N ALA A 277 13.93 5.53 24.35
CA ALA A 277 13.49 4.21 23.90
C ALA A 277 14.44 3.11 24.36
N LYS A 278 15.74 3.36 24.22
CA LYS A 278 16.74 2.39 24.68
C LYS A 278 16.62 2.12 26.17
N GLU A 279 16.40 3.18 26.95
CA GLU A 279 16.33 3.02 28.40
C GLU A 279 15.07 2.24 28.81
N PHE A 280 13.94 2.50 28.16
CA PHE A 280 12.71 1.79 28.44
C PHE A 280 12.83 0.30 28.09
N LEU A 281 13.43 0.00 26.95
CA LEU A 281 13.56 -1.39 26.51
C LEU A 281 14.57 -2.17 27.35
N GLU A 282 15.69 -1.55 27.71
CA GLU A 282 16.77 -2.28 28.39
C GLU A 282 16.52 -2.44 29.89
N ASN A 283 15.87 -1.47 30.52
CA ASN A 283 15.74 -1.45 31.98
C ASN A 283 14.34 -1.68 32.52
N TYR A 284 13.33 -1.75 31.65
CA TYR A 284 11.95 -1.93 32.11
C TYR A 284 11.26 -3.14 31.48
N LEU A 285 11.31 -3.25 30.15
CA LEU A 285 10.67 -4.37 29.48
C LEU A 285 11.49 -5.65 29.59
N LEU A 286 12.77 -5.57 29.23
CA LEU A 286 13.64 -6.75 29.25
C LEU A 286 14.17 -7.03 30.64
N THR A 287 13.22 -7.20 31.56
CA THR A 287 13.47 -7.68 32.90
C THR A 287 12.42 -8.74 33.21
N ASP A 288 12.64 -9.49 34.28
CA ASP A 288 11.64 -10.47 34.72
C ASP A 288 10.30 -9.79 34.98
N GLU A 289 10.32 -8.72 35.77
CA GLU A 289 9.10 -7.95 36.04
C GLU A 289 8.44 -7.50 34.74
N GLY A 290 9.21 -6.84 33.88
CA GLY A 290 8.72 -6.40 32.59
C GLY A 290 8.10 -7.50 31.76
N LEU A 291 8.87 -8.54 31.47
CA LEU A 291 8.35 -9.62 30.60
C LEU A 291 7.19 -10.36 31.25
N GLU A 292 7.20 -10.52 32.57
CA GLU A 292 6.07 -11.16 33.24
C GLU A 292 4.79 -10.34 33.09
N ALA A 293 4.89 -9.02 33.22
CA ALA A 293 3.72 -8.15 33.07
C ALA A 293 3.09 -8.32 31.69
N VAL A 294 3.92 -8.36 30.66
CA VAL A 294 3.44 -8.64 29.32
C VAL A 294 2.88 -10.07 29.27
N ASN A 295 3.63 -11.01 29.84
CA ASN A 295 3.32 -12.42 29.68
C ASN A 295 2.02 -12.83 30.37
N LYS A 296 1.71 -12.18 31.49
CA LYS A 296 0.45 -12.44 32.19
C LYS A 296 -0.74 -11.99 31.35
N ASP A 297 -0.60 -10.90 30.59
CA ASP A 297 -1.68 -10.44 29.72
C ASP A 297 -1.97 -11.49 28.63
N LYS A 298 -0.97 -11.78 27.80
CA LYS A 298 -1.05 -12.86 26.81
C LYS A 298 0.31 -13.54 26.88
N PRO A 299 0.34 -14.88 26.79
CA PRO A 299 1.61 -15.57 26.95
C PRO A 299 2.58 -15.27 25.80
N LEU A 300 3.83 -14.98 26.15
CA LEU A 300 4.87 -14.71 25.16
C LEU A 300 5.41 -15.95 24.47
N GLY A 301 5.19 -17.13 25.04
CA GLY A 301 5.89 -18.31 24.59
C GLY A 301 7.28 -18.33 25.19
N ALA A 302 8.27 -18.78 24.43
CA ALA A 302 9.66 -18.70 24.88
C ALA A 302 10.17 -17.26 24.75
N VAL A 303 11.20 -16.96 25.52
CA VAL A 303 11.63 -15.59 25.74
C VAL A 303 13.14 -15.48 25.49
N ALA A 304 13.57 -14.32 25.04
CA ALA A 304 14.99 -14.10 24.73
C ALA A 304 15.84 -13.82 25.96
N LEU A 305 15.22 -13.35 27.05
CA LEU A 305 15.93 -13.00 28.27
C LEU A 305 16.23 -14.25 29.07
N LYS A 306 17.52 -14.57 29.22
CA LYS A 306 17.90 -15.82 29.87
C LYS A 306 17.23 -15.97 31.23
N SER A 307 17.16 -14.88 32.00
CA SER A 307 16.70 -14.99 33.38
C SER A 307 15.23 -15.40 33.46
N TYR A 308 14.39 -14.78 32.65
CA TYR A 308 12.98 -15.14 32.65
C TYR A 308 12.71 -16.44 31.91
N GLU A 309 13.46 -16.71 30.84
CA GLU A 309 13.30 -17.98 30.12
C GLU A 309 13.55 -19.17 31.03
N GLU A 310 14.48 -19.04 31.98
CA GLU A 310 14.72 -20.12 32.93
C GLU A 310 13.49 -20.37 33.81
N GLU A 311 12.73 -19.32 34.10
CA GLU A 311 11.49 -19.47 34.84
C GLU A 311 10.42 -20.15 33.98
N LEU A 312 10.16 -19.58 32.81
CA LEU A 312 9.13 -20.10 31.91
C LEU A 312 9.37 -21.54 31.50
N ALA A 313 10.64 -21.91 31.32
CA ALA A 313 10.99 -23.26 30.86
C ALA A 313 10.65 -24.35 31.86
N LYS A 314 10.21 -23.98 33.06
CA LYS A 314 9.59 -24.97 33.94
C LYS A 314 8.35 -25.56 33.28
N ASP A 315 7.70 -24.79 32.41
CA ASP A 315 6.65 -25.34 31.57
C ASP A 315 7.31 -26.15 30.44
N PRO A 316 7.08 -27.48 30.40
CA PRO A 316 7.75 -28.29 29.38
C PRO A 316 7.40 -27.91 27.94
N ARG A 317 6.27 -27.27 27.73
CA ARG A 317 5.91 -26.83 26.38
C ARG A 317 6.84 -25.69 25.93
N ILE A 318 7.22 -24.83 26.88
CA ILE A 318 8.12 -23.73 26.57
C ILE A 318 9.53 -24.26 26.34
N ALA A 319 9.98 -25.14 27.22
CA ALA A 319 11.29 -25.77 27.07
C ALA A 319 11.44 -26.44 25.70
N ALA A 320 10.40 -27.17 25.27
CA ALA A 320 10.40 -27.80 23.95
C ALA A 320 10.46 -26.75 22.83
N THR A 321 9.76 -25.65 22.99
CA THR A 321 9.79 -24.59 21.99
C THR A 321 11.21 -24.08 21.79
N MET A 322 11.89 -23.79 22.89
CA MET A 322 13.27 -23.32 22.84
C MET A 322 14.20 -24.42 22.30
N GLU A 323 13.95 -25.67 22.68
CA GLU A 323 14.74 -26.76 22.12
C GLU A 323 14.58 -26.84 20.60
N ASN A 324 13.33 -26.81 20.11
CA ASN A 324 13.12 -26.84 18.66
C ASN A 324 13.69 -25.59 18.00
N ALA A 325 13.56 -24.45 18.66
CA ALA A 325 14.11 -23.21 18.10
C ALA A 325 15.63 -23.28 17.98
N GLN A 326 16.31 -23.86 18.95
CA GLN A 326 17.78 -23.93 18.89
C GLN A 326 18.26 -24.94 17.85
N LYS A 327 17.43 -25.94 17.55
CA LYS A 327 17.72 -26.86 16.47
C LYS A 327 17.26 -26.37 15.09
N GLY A 328 16.69 -25.16 15.00
CA GLY A 328 16.12 -24.66 13.75
C GLY A 328 16.98 -23.64 13.04
N GLU A 329 16.43 -23.04 12.00
CA GLU A 329 17.12 -21.97 11.29
C GLU A 329 16.35 -20.68 11.49
N ILE A 330 17.06 -19.64 11.93
CA ILE A 330 16.49 -18.31 12.00
C ILE A 330 15.97 -17.95 10.62
N MET A 331 14.75 -17.45 10.57
CA MET A 331 14.16 -17.16 9.27
C MET A 331 14.90 -15.97 8.67
N PRO A 332 15.40 -16.09 7.43
CA PRO A 332 16.13 -14.97 6.84
C PRO A 332 15.30 -13.69 6.89
N ASN A 333 15.97 -12.58 7.13
CA ASN A 333 15.27 -11.30 7.34
C ASN A 333 15.35 -10.40 6.11
N ILE A 334 15.15 -10.95 4.93
CA ILE A 334 15.25 -10.15 3.70
C ILE A 334 13.93 -10.31 2.95
N PRO A 335 13.52 -9.29 2.18
CA PRO A 335 12.25 -9.40 1.44
C PRO A 335 12.21 -10.53 0.41
N GLN A 336 13.36 -11.04 -0.05
CA GLN A 336 13.33 -12.10 -1.06
C GLN A 336 12.85 -13.45 -0.53
N MET A 337 12.58 -13.56 0.77
CA MET A 337 11.90 -14.73 1.29
C MET A 337 10.54 -14.97 0.63
N SER A 338 9.91 -13.93 0.09
CA SER A 338 8.66 -14.12 -0.65
C SER A 338 8.85 -14.98 -1.89
N ALA A 339 9.95 -14.76 -2.61
CA ALA A 339 10.32 -15.66 -3.70
C ALA A 339 10.47 -17.09 -3.19
N PHE A 340 11.14 -17.26 -2.05
CA PHE A 340 11.31 -18.60 -1.49
C PHE A 340 9.96 -19.24 -1.18
N TRP A 341 9.10 -18.52 -0.46
CA TRP A 341 7.83 -19.08 0.00
C TRP A 341 6.96 -19.56 -1.16
N TYR A 342 6.77 -18.70 -2.16
CA TYR A 342 5.89 -19.06 -3.28
C TYR A 342 6.43 -20.30 -4.02
N ALA A 343 7.73 -20.34 -4.27
CA ALA A 343 8.29 -21.43 -5.07
C ALA A 343 8.17 -22.76 -4.32
N VAL A 344 8.47 -22.74 -3.02
CA VAL A 344 8.40 -23.98 -2.22
C VAL A 344 6.94 -24.40 -2.00
N ARG A 345 6.05 -23.44 -1.76
CA ARG A 345 4.64 -23.78 -1.64
C ARG A 345 4.17 -24.54 -2.89
N THR A 346 4.48 -24.00 -4.06
CA THR A 346 4.12 -24.66 -5.32
C THR A 346 4.73 -26.06 -5.40
N ALA A 347 6.02 -26.17 -5.09
CA ALA A 347 6.69 -27.45 -5.23
C ALA A 347 6.08 -28.50 -4.29
N VAL A 348 5.79 -28.13 -3.05
CA VAL A 348 5.22 -29.10 -2.12
C VAL A 348 3.81 -29.50 -2.55
N ILE A 349 3.00 -28.54 -2.98
CA ILE A 349 1.65 -28.85 -3.46
C ILE A 349 1.71 -29.78 -4.68
N ASN A 350 2.60 -29.48 -5.62
CA ASN A 350 2.72 -30.32 -6.83
C ASN A 350 3.25 -31.71 -6.51
N ALA A 351 4.26 -31.80 -5.65
CA ALA A 351 4.81 -33.11 -5.31
C ALA A 351 3.80 -33.94 -4.51
N ALA A 352 2.97 -33.30 -3.70
CA ALA A 352 1.97 -34.03 -2.90
C ALA A 352 0.79 -34.49 -3.76
N SER A 353 0.52 -33.77 -4.85
CA SER A 353 -0.58 -34.09 -5.75
C SER A 353 -0.17 -34.97 -6.93
N GLY A 354 1.10 -35.38 -6.99
CA GLY A 354 1.63 -36.06 -8.16
C GLY A 354 1.71 -35.23 -9.42
N ARG A 355 1.36 -33.95 -9.37
CA ARG A 355 1.51 -33.07 -10.53
C ARG A 355 2.97 -32.90 -10.96
N GLN A 356 3.89 -33.14 -10.03
CA GLN A 356 5.33 -33.18 -10.33
C GLN A 356 5.96 -34.25 -9.47
N THR A 357 7.05 -34.83 -9.95
CA THR A 357 7.85 -35.65 -9.08
C THR A 357 8.54 -34.74 -8.05
N VAL A 358 9.01 -35.34 -6.97
CA VAL A 358 9.78 -34.58 -5.99
C VAL A 358 10.94 -33.85 -6.67
N ASP A 359 11.63 -34.58 -7.56
CA ASP A 359 12.82 -34.06 -8.21
C ASP A 359 12.49 -32.88 -9.12
N ALA A 360 11.48 -33.06 -9.98
CA ALA A 360 11.05 -31.97 -10.84
C ALA A 360 10.51 -30.80 -10.01
N ALA A 361 9.78 -31.11 -8.94
CA ALA A 361 9.18 -30.06 -8.13
C ALA A 361 10.26 -29.18 -7.51
N LEU A 362 11.28 -29.79 -6.93
CA LEU A 362 12.33 -29.01 -6.30
C LEU A 362 13.28 -28.37 -7.31
N ALA A 363 13.57 -29.05 -8.42
CA ALA A 363 14.41 -28.44 -9.46
C ALA A 363 13.80 -27.12 -9.91
N ALA A 364 12.48 -27.10 -10.11
CA ALA A 364 11.84 -25.88 -10.61
C ALA A 364 11.71 -24.82 -9.51
N ALA A 365 11.46 -25.24 -8.26
CA ALA A 365 11.40 -24.26 -7.16
C ALA A 365 12.74 -23.54 -7.02
N GLN A 366 13.82 -24.31 -7.04
CA GLN A 366 15.17 -23.75 -6.95
C GLN A 366 15.41 -22.67 -8.01
N THR A 367 15.23 -23.04 -9.27
CA THR A 367 15.49 -22.05 -10.33
C THR A 367 14.45 -20.91 -10.28
N ASN A 368 13.20 -21.20 -9.95
CA ASN A 368 12.21 -20.13 -9.91
C ASN A 368 12.46 -19.16 -8.76
N ALA A 369 12.79 -19.69 -7.58
CA ALA A 369 13.05 -18.81 -6.43
C ALA A 369 14.24 -17.89 -6.69
N ALA A 370 15.32 -18.45 -7.28
CA ALA A 370 16.49 -17.65 -7.59
C ALA A 370 16.17 -16.55 -8.61
N ARG A 371 15.41 -16.90 -9.65
CA ARG A 371 15.03 -15.91 -10.66
C ARG A 371 14.20 -14.80 -10.05
N ALA A 372 13.17 -15.16 -9.28
CA ALA A 372 12.30 -14.15 -8.67
C ALA A 372 13.06 -13.25 -7.70
N ALA A 373 14.00 -13.83 -6.95
CA ALA A 373 14.79 -13.02 -6.02
C ALA A 373 15.70 -12.04 -6.78
N ALA A 374 16.32 -12.51 -7.86
CA ALA A 374 17.15 -11.62 -8.68
C ALA A 374 16.32 -10.46 -9.27
N MET A 375 15.19 -10.77 -9.89
CA MET A 375 14.34 -9.71 -10.46
C MET A 375 13.88 -8.75 -9.35
N SER A 376 13.57 -9.29 -8.18
CA SER A 376 13.18 -8.47 -7.04
C SER A 376 14.24 -7.40 -6.75
N VAL A 377 15.51 -7.80 -6.71
CA VAL A 377 16.60 -6.84 -6.56
C VAL A 377 16.60 -5.83 -7.71
N ALA A 378 16.47 -6.31 -8.94
CA ALA A 378 16.54 -5.42 -10.12
C ALA A 378 15.43 -4.37 -10.13
N LEU A 379 14.21 -4.76 -9.73
CA LEU A 379 13.12 -3.79 -9.62
C LEU A 379 13.38 -2.76 -8.53
N ALA A 380 14.06 -3.14 -7.46
CA ALA A 380 14.34 -2.19 -6.38
C ALA A 380 15.30 -1.10 -6.86
N SER A 381 16.32 -1.48 -7.61
CA SER A 381 17.24 -0.48 -8.16
C SER A 381 16.56 0.37 -9.23
N GLU A 382 15.72 -0.23 -10.06
CA GLU A 382 14.99 0.53 -11.06
CA GLU A 382 14.96 0.50 -11.07
C GLU A 382 14.06 1.56 -10.41
N TYR A 383 13.48 1.21 -9.26
CA TYR A 383 12.61 2.15 -8.58
C TYR A 383 13.35 3.43 -8.19
N GLN A 384 14.61 3.29 -7.78
CA GLN A 384 15.40 4.47 -7.43
C GLN A 384 15.59 5.39 -8.63
N LEU A 385 15.72 4.80 -9.81
CA LEU A 385 15.85 5.61 -11.02
C LEU A 385 14.57 6.37 -11.35
N VAL A 386 13.41 5.77 -11.10
CA VAL A 386 12.18 6.48 -11.42
C VAL A 386 11.94 7.61 -10.40
N GLN A 387 12.26 7.37 -9.12
CA GLN A 387 12.09 8.41 -8.11
C GLN A 387 13.00 9.60 -8.38
N ASN A 388 14.18 9.33 -8.92
CA ASN A 388 15.17 10.36 -9.17
C ASN A 388 15.15 10.91 -10.60
N ALA A 389 14.21 10.44 -11.43
CA ALA A 389 14.16 10.85 -12.83
C ALA A 389 13.88 12.35 -12.96
N GLN A 390 14.42 12.93 -14.02
CA GLN A 390 14.35 14.37 -14.28
C GLN A 390 13.64 14.62 -15.60
N LEU A 391 12.89 15.72 -15.66
CA LEU A 391 12.24 16.11 -16.89
C LEU A 391 13.27 16.48 -17.96
N PRO A 392 12.92 16.28 -19.24
CA PRO A 392 13.79 16.78 -20.31
C PRO A 392 14.10 18.25 -20.10
N GLN A 393 15.36 18.62 -20.21
CA GLN A 393 15.78 19.95 -19.81
C GLN A 393 15.34 20.99 -20.83
N ARG A 394 14.48 21.88 -20.39
CA ARG A 394 14.19 23.10 -21.12
C ARG A 394 14.68 24.34 -20.37
N TRP A 395 15.00 24.21 -19.08
CA TRP A 395 15.44 25.34 -18.30
C TRP A 395 16.87 25.75 -18.67
N SER A 396 17.09 27.05 -18.80
CA SER A 396 18.41 27.64 -18.82
C SER A 396 18.26 29.09 -18.38
N GLN A 397 19.37 29.76 -18.13
CA GLN A 397 19.32 31.16 -17.73
C GLN A 397 18.80 32.03 -18.87
N SER A 398 19.19 31.72 -20.11
CA SER A 398 18.67 32.47 -21.25
C SER A 398 17.18 32.19 -21.47
N ALA A 399 16.77 30.94 -21.34
CA ALA A 399 15.36 30.61 -21.54
C ALA A 399 14.50 31.20 -20.42
N ARG A 400 14.99 31.08 -19.18
CA ARG A 400 14.38 31.76 -18.04
C ARG A 400 14.09 33.23 -18.36
N LYS A 401 15.09 33.95 -18.81
CA LYS A 401 14.94 35.39 -18.99
C LYS A 401 13.98 35.70 -20.12
N SER A 402 14.09 35.00 -21.24
CA SER A 402 13.16 35.21 -22.35
C SER A 402 11.73 34.92 -21.94
N LEU A 403 11.50 33.84 -21.20
CA LEU A 403 10.13 33.51 -20.78
C LEU A 403 9.62 34.57 -19.80
N ALA A 404 10.49 35.06 -18.93
CA ALA A 404 10.13 36.15 -18.02
C ALA A 404 9.63 37.38 -18.78
N ILE A 405 10.25 37.68 -19.93
CA ILE A 405 9.82 38.81 -20.75
C ILE A 405 8.42 38.56 -21.30
N LEU A 406 8.22 37.39 -21.92
CA LEU A 406 6.90 37.05 -22.48
C LEU A 406 5.82 37.06 -21.41
N GLU A 407 6.15 36.57 -20.22
CA GLU A 407 5.19 36.56 -19.14
C GLU A 407 4.89 37.99 -18.68
N ALA A 408 5.91 38.83 -18.62
CA ALA A 408 5.70 40.22 -18.23
C ALA A 408 4.84 40.97 -19.27
N THR A 409 5.02 40.66 -20.56
CA THR A 409 4.19 41.26 -21.59
C THR A 409 2.73 40.79 -21.45
N ALA A 410 2.53 39.51 -21.19
CA ALA A 410 1.18 38.97 -21.07
C ALA A 410 0.45 39.57 -19.86
N ARG A 411 1.18 39.82 -18.79
CA ARG A 411 0.59 40.47 -17.61
C ARG A 411 0.07 41.88 -17.93
N LYS A 412 0.84 42.65 -18.67
CA LYS A 412 0.39 43.97 -19.09
C LYS A 412 -0.86 43.87 -19.96
N GLU A 413 -0.82 42.98 -20.96
CA GLU A 413 -1.97 42.77 -21.84
C GLU A 413 -3.21 42.31 -21.07
N ALA A 414 -3.04 41.43 -20.08
CA ALA A 414 -4.19 41.00 -19.27
C ALA A 414 -4.69 42.14 -18.40
N THR A 415 -3.77 42.95 -17.89
CA THR A 415 -4.17 44.12 -17.11
C THR A 415 -4.99 45.09 -17.96
N ALA A 416 -4.50 45.40 -19.16
CA ALA A 416 -5.23 46.31 -20.04
C ALA A 416 -6.61 45.73 -20.39
N GLN A 417 -6.66 44.43 -20.63
CA GLN A 417 -7.91 43.77 -20.94
C GLN A 417 -8.88 43.81 -19.75
N MET A 418 -8.35 43.70 -18.53
CA MET A 418 -9.16 43.86 -17.32
C MET A 418 -9.69 45.28 -17.17
N GLU A 419 -8.87 46.27 -17.50
CA GLU A 419 -9.30 47.67 -17.52
C GLU A 419 -10.46 47.87 -18.49
N ALA A 420 -10.28 47.41 -19.73
CA ALA A 420 -11.30 47.59 -20.76
C ALA A 420 -12.63 46.88 -20.43
N ALA A 421 -12.61 45.85 -19.58
CA ALA A 421 -13.81 45.10 -19.30
C ALA A 421 -14.48 45.47 -17.98
N GLY A 422 -13.84 46.30 -17.18
CA GLY A 422 -14.37 46.62 -15.86
C GLY A 422 -14.07 45.60 -14.77
N GLY A 423 -13.23 44.61 -15.06
CA GLY A 423 -12.90 43.62 -14.05
C GLY A 423 -12.40 42.33 -14.66
N SER A 424 -12.14 41.36 -13.77
CA SER A 424 -11.66 40.03 -14.14
C SER A 424 -12.82 39.07 -14.25
N PHE A 425 -12.78 38.21 -15.27
CA PHE A 425 -13.85 37.25 -15.52
C PHE A 425 -13.26 35.88 -15.81
N CYS A 426 -13.92 34.85 -15.29
CA CYS A 426 -13.67 33.48 -15.70
C CYS A 426 -14.93 33.04 -16.44
N GLY A 427 -14.83 32.92 -17.76
CA GLY A 427 -16.00 32.82 -18.60
C GLY A 427 -16.87 34.05 -18.37
N GLN A 428 -18.09 33.83 -17.90
CA GLN A 428 -18.98 34.93 -17.53
C GLN A 428 -18.95 35.27 -16.03
N PHE A 429 -18.19 34.53 -15.23
CA PHE A 429 -18.23 34.73 -13.78
C PHE A 429 -17.29 35.86 -13.36
N PRO A 430 -17.78 36.87 -12.64
CA PRO A 430 -16.90 37.91 -12.13
C PRO A 430 -15.96 37.37 -11.05
N VAL A 431 -14.67 37.56 -11.26
CA VAL A 431 -13.64 37.09 -10.35
C VAL A 431 -13.08 38.27 -9.59
N ASP A 432 -13.22 38.25 -8.26
CA ASP A 432 -12.60 39.26 -7.39
C ASP A 432 -12.00 38.57 -6.16
N PRO A 433 -10.66 38.43 -6.12
CA PRO A 433 -10.02 37.75 -4.97
C PRO A 433 -10.17 38.46 -3.63
N ALA A 434 -10.73 39.67 -3.58
CA ALA A 434 -11.09 40.23 -2.28
C ALA A 434 -12.17 39.42 -1.57
N PHE A 435 -12.90 38.58 -2.32
CA PHE A 435 -14.03 37.85 -1.76
C PHE A 435 -13.87 36.35 -1.84
N LYS A 436 -14.47 35.66 -0.89
CA LYS A 436 -14.58 34.21 -0.91
C LYS A 436 -15.99 33.82 -1.34
N VAL A 437 -16.09 32.96 -2.36
CA VAL A 437 -17.37 32.64 -2.99
C VAL A 437 -18.03 31.47 -2.24
N LEU A 438 -18.98 31.80 -1.38
CA LEU A 438 -19.64 30.79 -0.54
C LEU A 438 -20.83 30.13 -1.22
N SER A 439 -21.52 30.88 -2.07
CA SER A 439 -22.55 30.31 -2.94
C SER A 439 -22.56 31.11 -4.22
N LEU A 440 -23.10 30.52 -5.27
CA LEU A 440 -23.08 31.15 -6.59
C LEU A 440 -24.17 30.57 -7.47
N GLU A 441 -24.52 31.35 -8.48
CA GLU A 441 -25.61 31.01 -9.41
C GLU A 441 -25.06 30.60 -10.76
N TYR A 442 -25.75 29.61 -11.35
CA TYR A 442 -25.50 29.15 -12.71
C TYR A 442 -26.76 29.30 -13.55
N SER A 443 -26.58 29.70 -14.80
CA SER A 443 -27.69 29.73 -15.75
C SER A 443 -27.49 28.68 -16.83
N ALA A 444 -28.60 28.19 -17.37
CA ALA A 444 -28.61 27.24 -18.49
C ALA A 444 -29.46 27.85 -19.60
N PRO A 445 -28.88 28.77 -20.38
CA PRO A 445 -29.67 29.40 -21.45
C PRO A 445 -29.93 28.50 -22.66
N ASN A 446 -29.13 27.47 -22.86
CA ASN A 446 -29.23 26.59 -24.03
C ASN A 446 -28.82 25.15 -23.60
N PRO A 447 -28.79 24.18 -24.53
CA PRO A 447 -28.41 22.83 -24.12
C PRO A 447 -26.92 22.60 -23.85
N ASP A 448 -26.08 23.62 -23.95
CA ASP A 448 -24.67 23.45 -23.58
C ASP A 448 -24.59 23.42 -22.04
N ILE A 449 -23.38 23.39 -21.50
CA ILE A 449 -23.22 23.33 -20.05
C ILE A 449 -23.75 24.60 -19.38
N ALA A 450 -24.26 24.44 -18.17
CA ALA A 450 -24.68 25.57 -17.36
C ALA A 450 -23.47 26.47 -17.05
N ARG A 451 -23.70 27.79 -17.02
CA ARG A 451 -22.62 28.78 -16.98
C ARG A 451 -22.63 29.46 -15.61
N ALA A 452 -21.48 29.57 -14.99
CA ALA A 452 -21.40 30.29 -13.72
C ALA A 452 -21.51 31.78 -13.98
N ILE A 453 -22.50 32.44 -13.39
CA ILE A 453 -22.78 33.83 -13.76
C ILE A 453 -22.64 34.83 -12.60
N ARG A 454 -22.93 34.43 -11.37
CA ARG A 454 -23.08 35.41 -10.28
C ARG A 454 -22.62 34.87 -8.93
N ARG A 455 -21.77 35.64 -8.26
CA ARG A 455 -21.47 35.44 -6.85
C ARG A 455 -22.68 35.83 -6.02
N VAL A 456 -23.13 34.92 -5.14
CA VAL A 456 -24.31 35.17 -4.31
C VAL A 456 -23.90 35.51 -2.88
N ASP A 457 -23.55 34.50 -2.08
CA ASP A 457 -23.06 34.74 -0.71
C ASP A 457 -21.54 34.77 -0.69
N SER A 458 -20.98 35.67 0.12
CA SER A 458 -19.54 35.77 0.25
C SER A 458 -19.12 36.24 1.63
N VAL A 459 -17.83 36.11 1.89
CA VAL A 459 -17.14 36.77 3.01
C VAL A 459 -15.84 37.35 2.47
N PRO A 460 -15.20 38.26 3.22
CA PRO A 460 -13.87 38.69 2.86
C PRO A 460 -12.93 37.49 2.75
N ASN A 461 -12.08 37.49 1.74
CA ASN A 461 -11.24 36.35 1.44
C ASN A 461 -10.11 36.21 2.48
N PRO A 462 -10.07 35.10 3.23
CA PRO A 462 -9.02 34.92 4.22
C PRO A 462 -7.62 34.99 3.60
N PRO A 463 -6.63 35.43 4.37
CA PRO A 463 -5.28 35.48 3.83
C PRO A 463 -4.68 34.09 3.62
N LEU A 464 -3.65 34.03 2.79
CA LEU A 464 -2.91 32.80 2.66
C LEU A 464 -2.36 32.39 4.03
N PRO A 465 -2.30 31.09 4.33
CA PRO A 465 -1.54 30.67 5.50
C PRO A 465 -0.07 31.04 5.37
N SER A 466 0.62 31.12 6.49
CA SER A 466 1.97 31.67 6.48
C SER A 466 2.98 30.77 5.75
N HIS A 467 2.69 29.49 5.63
CA HIS A 467 3.60 28.61 4.92
C HIS A 467 3.40 28.60 3.40
N VAL A 468 2.51 29.44 2.87
CA VAL A 468 2.19 29.48 1.45
C VAL A 468 2.39 30.91 0.95
N VAL A 469 3.18 31.07 -0.10
CA VAL A 469 3.60 32.39 -0.57
C VAL A 469 3.33 32.52 -2.07
N ALA A 470 2.62 33.57 -2.46
CA ALA A 470 2.44 33.87 -3.88
C ALA A 470 3.76 34.40 -4.45
N ILE A 471 4.18 33.81 -5.56
CA ILE A 471 5.41 34.21 -6.22
C ILE A 471 5.12 35.45 -7.06
N GLN A 472 5.81 36.55 -6.77
CA GLN A 472 5.58 37.83 -7.44
C GLN A 472 6.43 38.01 -8.72
N SER A 473 7.64 37.48 -8.73
CA SER A 473 8.61 37.76 -9.78
C SER A 473 8.36 36.91 -11.04
N THR A 474 8.35 37.55 -12.20
CA THR A 474 8.25 36.82 -13.45
C THR A 474 9.47 35.91 -13.67
N ALA A 475 10.64 36.33 -13.17
CA ALA A 475 11.85 35.51 -13.27
C ALA A 475 11.68 34.20 -12.51
N VAL A 476 11.14 34.27 -11.31
CA VAL A 476 10.91 33.06 -10.51
C VAL A 476 9.80 32.23 -11.16
N ASP A 477 8.78 32.88 -11.70
CA ASP A 477 7.72 32.17 -12.43
C ASP A 477 8.32 31.34 -13.56
N ALA A 478 9.22 31.95 -14.33
CA ALA A 478 9.81 31.27 -15.49
C ALA A 478 10.75 30.16 -15.06
N ASP A 479 11.51 30.37 -13.99
CA ASP A 479 12.35 29.32 -13.42
C ASP A 479 11.56 28.04 -13.18
N LEU A 480 10.47 28.17 -12.43
CA LEU A 480 9.71 26.99 -12.05
C LEU A 480 8.97 26.40 -13.24
N SER A 481 8.45 27.27 -14.12
CA SER A 481 7.71 26.80 -15.28
C SER A 481 8.60 25.93 -16.17
N LEU A 482 9.80 26.41 -16.45
CA LEU A 482 10.73 25.66 -17.28
C LEU A 482 11.28 24.42 -16.56
N ALA A 483 11.49 24.50 -15.25
CA ALA A 483 12.08 23.35 -14.56
C ALA A 483 11.07 22.25 -14.22
N MET A 484 9.80 22.61 -14.07
CA MET A 484 8.78 21.68 -13.59
C MET A 484 7.78 21.24 -14.64
N GLY A 485 7.92 21.71 -15.88
CA GLY A 485 6.99 21.32 -16.93
C GLY A 485 5.58 21.83 -16.66
N VAL A 486 5.47 23.10 -16.32
CA VAL A 486 4.18 23.78 -16.13
C VAL A 486 4.17 25.01 -17.01
N SER A 487 3.13 25.15 -17.83
CA SER A 487 2.99 26.31 -18.71
C SER A 487 1.54 26.78 -18.66
N LEU A 488 1.24 27.60 -17.65
CA LEU A 488 -0.11 28.12 -17.47
C LEU A 488 -0.36 29.31 -18.38
N THR A 489 -1.64 29.66 -18.54
CA THR A 489 -2.05 30.77 -19.41
C THR A 489 -1.20 32.02 -19.15
N PRO A 490 -0.44 32.47 -20.15
CA PRO A 490 0.45 33.61 -19.95
C PRO A 490 -0.23 34.85 -19.36
N GLY A 491 0.36 35.39 -18.31
CA GLY A 491 -0.16 36.58 -17.66
C GLY A 491 -1.44 36.42 -16.86
N ARG A 492 -1.97 35.21 -16.75
CA ARG A 492 -3.30 35.01 -16.14
C ARG A 492 -3.28 33.87 -15.14
N HIS A 493 -2.20 33.77 -14.39
CA HIS A 493 -2.05 32.70 -13.41
C HIS A 493 -1.25 33.20 -12.23
N THR A 494 -1.31 32.45 -11.14
CA THR A 494 -0.54 32.75 -9.95
C THR A 494 0.20 31.47 -9.55
N SER A 495 1.48 31.60 -9.24
CA SER A 495 2.27 30.47 -8.75
C SER A 495 2.52 30.67 -7.27
N TYR A 496 2.62 29.56 -6.54
CA TYR A 496 2.84 29.61 -5.11
C TYR A 496 3.96 28.65 -4.72
N LEU A 497 4.67 29.02 -3.66
CA LEU A 497 5.67 28.17 -3.03
C LEU A 497 5.18 27.78 -1.64
N VAL A 498 5.29 26.50 -1.32
CA VAL A 498 4.77 25.95 -0.07
C VAL A 498 5.86 25.16 0.62
N ASP A 499 6.25 25.60 1.82
CA ASP A 499 7.28 24.88 2.58
C ASP A 499 6.84 23.44 2.88
N ALA A 500 7.67 22.48 2.50
CA ALA A 500 7.30 21.07 2.57
C ALA A 500 7.00 20.59 4.00
N ARG A 501 7.74 21.12 4.99
CA ARG A 501 7.52 20.66 6.37
C ARG A 501 6.18 21.12 6.90
N ALA A 502 5.86 22.39 6.70
CA ALA A 502 4.57 22.91 7.12
C ALA A 502 3.42 22.25 6.35
N LEU A 503 3.65 21.92 5.08
CA LEU A 503 2.66 21.19 4.31
C LEU A 503 2.32 19.86 5.00
N GLN A 504 3.34 19.16 5.48
CA GLN A 504 3.13 17.85 6.10
C GLN A 504 2.40 17.99 7.44
N GLN A 505 2.83 18.96 8.26
CA GLN A 505 2.13 19.25 9.52
C GLN A 505 0.65 19.57 9.25
N SER A 506 0.40 20.39 8.22
CA SER A 506 -0.98 20.76 7.92
C SER A 506 -1.78 19.55 7.40
N ASN A 507 -1.16 18.69 6.62
CA ASN A 507 -1.81 17.42 6.23
C ASN A 507 -2.30 16.67 7.48
N SER A 508 -1.43 16.54 8.48
CA SER A 508 -1.78 15.80 9.69
C SER A 508 -2.89 16.51 10.47
N ALA A 509 -2.81 17.83 10.58
CA ALA A 509 -3.86 18.57 11.26
C ALA A 509 -5.22 18.38 10.58
N ALA A 510 -5.22 18.31 9.24
CA ALA A 510 -6.49 18.16 8.54
C ALA A 510 -7.14 16.79 8.82
N VAL A 511 -6.33 15.75 8.85
CA VAL A 511 -6.89 14.42 9.12
C VAL A 511 -7.25 14.30 10.59
N ALA A 512 -6.46 14.92 11.47
CA ALA A 512 -6.86 15.03 12.87
C ALA A 512 -8.26 15.65 13.00
N ALA A 513 -8.54 16.69 12.20
CA ALA A 513 -9.84 17.35 12.32
C ALA A 513 -10.97 16.48 11.76
N ARG A 514 -10.70 15.78 10.66
CA ARG A 514 -11.70 14.88 10.09
C ARG A 514 -12.07 13.77 11.07
N LYS A 515 -11.07 13.19 11.71
CA LYS A 515 -11.30 12.16 12.72
C LYS A 515 -12.12 12.71 13.89
N ALA A 516 -11.75 13.88 14.39
CA ALA A 516 -12.43 14.47 15.54
C ALA A 516 -13.89 14.78 15.22
N ASP A 517 -14.18 15.07 13.96
CA ASP A 517 -15.56 15.34 13.53
C ASP A 517 -16.40 14.09 13.37
N GLY A 518 -15.79 12.91 13.51
CA GLY A 518 -16.48 11.65 13.23
C GLY A 518 -16.47 11.27 11.76
N ASP A 519 -15.32 11.45 11.11
CA ASP A 519 -15.16 11.11 9.68
C ASP A 519 -16.26 11.72 8.82
N LYS A 520 -16.45 13.02 9.00
CA LYS A 520 -17.40 13.80 8.22
C LYS A 520 -16.97 15.26 8.28
N TRP A 521 -17.63 16.08 7.47
CA TRP A 521 -17.49 17.53 7.59
C TRP A 521 -18.26 18.01 8.82
N GLY A 522 -17.54 18.23 9.91
CA GLY A 522 -18.12 18.81 11.10
C GLY A 522 -17.39 20.08 11.50
N PRO A 523 -17.55 20.49 12.76
CA PRO A 523 -17.01 21.79 13.19
C PRO A 523 -15.49 21.93 13.07
N ALA A 524 -14.72 20.86 13.27
CA ALA A 524 -13.27 20.99 13.16
C ALA A 524 -12.83 21.19 11.71
N CYS A 525 -13.48 20.50 10.78
CA CYS A 525 -13.20 20.71 9.37
C CYS A 525 -13.70 22.07 8.91
N ASP A 526 -14.82 22.51 9.45
CA ASP A 526 -15.34 23.83 9.13
C ASP A 526 -14.39 24.93 9.60
N GLU A 527 -13.83 24.77 10.80
CA GLU A 527 -12.88 25.75 11.31
C GLU A 527 -11.66 25.89 10.39
N MET A 528 -11.12 24.76 9.91
CA MET A 528 -10.05 24.83 8.90
C MET A 528 -10.54 25.49 7.60
N PHE A 529 -11.76 25.17 7.17
CA PHE A 529 -12.26 25.75 5.92
C PHE A 529 -12.37 27.27 6.03
N ARG A 530 -12.72 27.77 7.20
CA ARG A 530 -12.84 29.22 7.41
C ARG A 530 -11.51 29.95 7.28
N GLY A 531 -10.40 29.23 7.43
CA GLY A 531 -9.10 29.79 7.16
C GLY A 531 -8.56 29.58 5.77
N CYS A 532 -9.30 28.89 4.89
CA CYS A 532 -8.81 28.66 3.53
C CYS A 532 -9.15 29.86 2.65
N ARG A 533 -8.18 30.25 1.85
CA ARG A 533 -8.33 31.36 0.91
C ARG A 533 -8.97 30.86 -0.38
N CYS A 534 -10.00 31.56 -0.83
CA CYS A 534 -10.71 31.22 -2.06
C CYS A 534 -9.87 31.56 -3.30
N VAL A 535 -9.73 30.61 -4.23
CA VAL A 535 -9.10 30.88 -5.53
C VAL A 535 -10.07 30.59 -6.67
N THR A 536 -11.36 30.71 -6.39
CA THR A 536 -12.40 30.47 -7.39
C THR A 536 -12.15 31.31 -8.64
N GLY A 537 -12.20 30.66 -9.78
CA GLY A 537 -12.01 31.34 -11.04
C GLY A 537 -10.57 31.64 -11.39
N GLN A 538 -9.61 31.21 -10.57
CA GLN A 538 -8.19 31.45 -10.84
C GLN A 538 -7.55 30.22 -11.48
N GLU A 539 -6.43 30.47 -12.14
CA GLU A 539 -5.56 29.43 -12.65
C GLU A 539 -4.26 29.53 -11.83
N VAL A 540 -3.92 28.45 -11.11
CA VAL A 540 -2.85 28.49 -10.12
C VAL A 540 -2.02 27.21 -10.16
N VAL A 541 -0.80 27.30 -9.67
CA VAL A 541 0.06 26.12 -9.47
C VAL A 541 0.76 26.26 -8.12
N PHE A 542 0.82 25.15 -7.38
CA PHE A 542 1.50 25.11 -6.09
C PHE A 542 2.73 24.22 -6.21
N TYR A 543 3.88 24.80 -5.93
CA TYR A 543 5.12 24.05 -5.83
C TYR A 543 5.48 23.94 -4.34
N THR A 544 5.86 22.75 -3.91
CA THR A 544 6.44 22.57 -2.58
C THR A 544 7.96 22.60 -2.69
N ALA A 545 8.61 23.17 -1.66
CA ALA A 545 10.08 23.27 -1.58
C ALA A 545 10.58 22.45 -0.41
N VAL A 546 11.36 21.40 -0.71
CA VAL A 546 11.95 20.55 0.32
C VAL A 546 13.35 21.06 0.62
N LYS A 547 13.60 21.34 1.90
CA LYS A 547 14.91 21.84 2.35
C LYS A 547 15.89 20.68 2.46
N GLU A 548 17.12 20.90 2.00
CA GLU A 548 18.11 19.82 1.96
C GLU A 548 18.45 19.39 3.39
N PRO A 549 18.37 18.08 3.69
CA PRO A 549 18.79 17.63 5.02
C PRO A 549 20.28 17.92 5.23
N ALA A 550 20.56 18.80 6.18
CA ALA A 550 21.92 19.27 6.41
C ALA A 550 22.66 18.37 7.40
N GLY A 558 13.03 12.70 9.06
CA GLY A 558 12.57 12.19 7.76
C GLY A 558 11.55 13.11 7.11
N SER A 559 10.99 12.68 5.99
CA SER A 559 10.01 13.51 5.27
C SER A 559 9.08 12.68 4.41
N LEU A 560 7.96 13.30 4.08
CA LEU A 560 6.99 12.75 3.14
C LEU A 560 7.55 12.68 1.72
N PHE A 561 8.43 13.63 1.38
CA PHE A 561 8.97 13.79 0.03
C PHE A 561 10.40 13.29 -0.04
N LYS A 562 10.76 12.72 -1.20
CA LYS A 562 12.06 12.07 -1.37
C LYS A 562 12.86 12.62 -2.55
N PRO A 563 13.17 13.92 -2.55
CA PRO A 563 14.02 14.44 -3.61
C PRO A 563 15.44 13.86 -3.51
N SER A 564 16.07 13.65 -4.65
CA SER A 564 17.47 13.27 -4.66
C SER A 564 18.31 14.53 -4.72
N PHE A 565 18.97 14.85 -3.61
CA PHE A 565 19.81 16.04 -3.55
C PHE A 565 21.20 15.85 -4.15
N ASP A 566 21.44 14.68 -4.75
CA ASP A 566 22.61 14.46 -5.59
C ASP A 566 22.34 14.73 -7.08
N GLY A 567 21.07 14.90 -7.46
CA GLY A 567 20.73 15.18 -8.84
C GLY A 567 21.27 16.51 -9.35
N PRO A 568 21.08 16.78 -10.64
CA PRO A 568 21.57 18.02 -11.21
C PRO A 568 20.90 19.26 -10.62
N ALA A 569 21.67 20.34 -10.52
CA ALA A 569 21.24 21.55 -9.84
C ALA A 569 21.15 22.71 -10.80
N PHE A 570 20.08 23.49 -10.68
CA PHE A 570 19.92 24.74 -11.41
C PHE A 570 20.19 25.91 -10.48
N ARG A 571 20.54 27.05 -11.05
CA ARG A 571 20.76 28.27 -10.28
C ARG A 571 19.48 29.10 -10.29
N PRO A 572 18.83 29.27 -9.13
CA PRO A 572 17.58 30.02 -9.10
C PRO A 572 17.83 31.52 -9.17
N SER A 573 16.93 32.24 -9.81
CA SER A 573 17.00 33.70 -9.72
C SER A 573 16.72 34.15 -8.28
N TRP A 574 15.89 33.38 -7.56
CA TRP A 574 15.55 33.69 -6.18
C TRP A 574 16.47 32.93 -5.24
N GLY A 575 17.22 33.66 -4.42
CA GLY A 575 18.21 33.05 -3.54
C GLY A 575 17.59 32.06 -2.55
N GLU A 576 16.33 32.26 -2.18
CA GLU A 576 15.70 31.46 -1.15
C GLU A 576 15.39 30.03 -1.59
N LEU A 577 15.43 29.76 -2.89
CA LEU A 577 15.30 28.39 -3.36
C LEU A 577 16.59 27.59 -3.24
N SER A 578 17.71 28.26 -2.98
CA SER A 578 18.99 27.56 -2.91
C SER A 578 19.01 26.59 -1.74
N GLY A 579 19.59 25.41 -1.96
CA GLY A 579 19.54 24.34 -0.98
C GLY A 579 18.17 23.69 -0.87
N LYS A 580 17.34 23.82 -1.90
CA LYS A 580 16.01 23.22 -1.86
C LYS A 580 15.69 22.52 -3.17
N ALA A 581 14.71 21.62 -3.10
CA ALA A 581 14.16 20.98 -4.30
C ALA A 581 12.68 21.32 -4.39
N THR A 582 12.19 21.53 -5.62
CA THR A 582 10.78 21.82 -5.84
C THR A 582 10.09 20.68 -6.59
N GLY A 583 8.83 20.45 -6.24
CA GLY A 583 7.95 19.58 -7.02
C GLY A 583 6.56 20.18 -7.07
N VAL A 584 5.77 19.72 -8.05
CA VAL A 584 4.41 20.21 -8.27
C VAL A 584 3.42 19.39 -7.44
N VAL A 585 2.72 20.04 -6.51
CA VAL A 585 1.73 19.32 -5.70
C VAL A 585 0.30 19.53 -6.17
N ALA A 586 0.02 20.69 -6.79
CA ALA A 586 -1.34 20.99 -7.25
C ALA A 586 -1.37 22.07 -8.31
N CYS A 587 -2.31 21.93 -9.25
N CYS A 587 -2.26 21.89 -9.30
CA CYS A 587 -2.56 22.91 -10.27
CA CYS A 587 -2.58 22.89 -10.31
C CYS A 587 -4.05 22.98 -10.58
C CYS A 587 -4.09 22.98 -10.46
N VAL A 588 -4.60 24.20 -10.60
CA VAL A 588 -6.02 24.42 -10.93
C VAL A 588 -6.10 25.12 -12.29
N LEU A 589 -6.83 24.51 -13.21
CA LEU A 589 -7.02 25.04 -14.56
C LEU A 589 -8.47 25.46 -14.77
N GLN A 590 -8.66 26.45 -15.63
CA GLN A 590 -9.99 26.88 -16.06
C GLN A 590 -10.07 26.66 -17.57
N VAL A 591 -10.83 25.65 -17.99
CA VAL A 591 -10.89 25.26 -19.39
C VAL A 591 -11.96 26.12 -20.08
N PRO A 592 -11.57 26.88 -21.12
CA PRO A 592 -12.56 27.62 -21.92
C PRO A 592 -13.59 26.67 -22.54
N ILE A 593 -14.86 26.97 -22.37
CA ILE A 593 -15.86 26.10 -22.98
C ILE A 593 -15.69 26.15 -24.49
N GLY A 594 -15.83 24.99 -25.12
CA GLY A 594 -15.56 24.90 -26.53
C GLY A 594 -15.61 23.44 -26.91
N LYS A 595 -14.87 23.10 -27.95
CA LYS A 595 -14.91 21.77 -28.55
C LYS A 595 -14.51 20.67 -27.56
N GLU A 596 -13.46 20.90 -26.78
CA GLU A 596 -13.01 19.87 -25.84
C GLU A 596 -14.05 19.63 -24.75
N THR A 597 -14.60 20.70 -24.20
CA THR A 597 -15.61 20.53 -23.15
C THR A 597 -16.87 19.88 -23.73
N ASP A 598 -17.21 20.19 -24.97
CA ASP A 598 -18.31 19.50 -25.66
C ASP A 598 -18.07 17.98 -25.69
N ILE A 599 -16.86 17.58 -26.08
CA ILE A 599 -16.56 16.16 -26.23
C ILE A 599 -16.65 15.44 -24.89
N ILE A 600 -16.06 16.05 -23.87
CA ILE A 600 -15.98 15.42 -22.56
C ILE A 600 -17.38 15.25 -21.97
N CYS A 601 -18.12 16.35 -21.91
CA CYS A 601 -19.49 16.28 -21.37
C CYS A 601 -20.34 15.27 -22.14
N ALA A 602 -20.18 15.23 -23.47
CA ALA A 602 -20.93 14.28 -24.30
C ALA A 602 -20.62 12.83 -23.92
N GLU A 603 -19.35 12.51 -23.65
CA GLU A 603 -19.03 11.13 -23.30
C GLU A 603 -19.60 10.75 -21.94
N TYR A 604 -19.56 11.68 -20.98
CA TYR A 604 -20.21 11.42 -19.67
C TYR A 604 -21.68 11.11 -19.89
N ASP A 605 -22.35 11.91 -20.72
CA ASP A 605 -23.75 11.69 -20.99
C ASP A 605 -23.98 10.33 -21.68
N ASN A 606 -23.17 10.01 -22.68
CA ASN A 606 -23.32 8.72 -23.37
C ASN A 606 -23.19 7.55 -22.39
N LEU A 607 -22.16 7.59 -21.56
CA LEU A 607 -21.90 6.48 -20.66
C LEU A 607 -22.99 6.38 -19.59
N VAL A 608 -23.53 7.50 -19.13
CA VAL A 608 -24.64 7.44 -18.16
C VAL A 608 -25.87 6.85 -18.84
N SER A 609 -26.25 7.39 -20.00
CA SER A 609 -27.45 6.90 -20.70
C SER A 609 -27.37 5.42 -20.98
N LYS A 610 -26.18 4.94 -21.33
CA LYS A 610 -26.04 3.54 -21.68
C LYS A 610 -25.85 2.66 -20.46
N GLY A 611 -25.96 3.21 -19.26
CA GLY A 611 -25.85 2.40 -18.05
C GLY A 611 -24.49 1.77 -17.80
N GLN A 612 -23.43 2.44 -18.22
CA GLN A 612 -22.08 1.89 -18.09
C GLN A 612 -21.37 2.27 -16.79
N PHE A 613 -21.99 3.06 -15.93
CA PHE A 613 -21.41 3.35 -14.63
C PHE A 613 -21.88 2.31 -13.61
N ALA A 614 -20.95 1.79 -12.82
CA ALA A 614 -21.27 0.97 -11.66
C ALA A 614 -21.38 1.87 -10.43
N THR A 615 -22.49 1.76 -9.71
CA THR A 615 -22.74 2.63 -8.57
C THR A 615 -22.24 1.96 -7.28
N VAL A 616 -21.31 2.61 -6.60
CA VAL A 616 -20.72 2.07 -5.38
C VAL A 616 -20.73 3.13 -4.29
N ASP A 617 -20.54 2.69 -3.06
CA ASP A 617 -20.40 3.59 -1.92
C ASP A 617 -18.96 3.60 -1.47
N ARG A 618 -18.48 4.77 -1.05
CA ARG A 618 -17.09 4.96 -0.63
C ARG A 618 -17.06 5.48 0.79
N PHE A 619 -16.01 5.09 1.52
CA PHE A 619 -15.79 5.52 2.91
C PHE A 619 -17.03 5.25 3.76
N GLY A 620 -17.42 3.97 3.82
CA GLY A 620 -18.66 3.58 4.48
C GLY A 620 -19.86 4.12 3.72
N GLY A 621 -20.50 5.13 4.28
CA GLY A 621 -21.61 5.81 3.63
C GLY A 621 -21.36 7.29 3.48
N ASP A 622 -20.09 7.67 3.32
CA ASP A 622 -19.74 9.08 3.14
C ASP A 622 -20.50 9.70 1.95
N HIS A 623 -20.44 9.02 0.80
CA HIS A 623 -21.12 9.50 -0.40
C HIS A 623 -21.34 8.34 -1.37
N THR A 624 -22.08 8.62 -2.44
CA THR A 624 -22.30 7.66 -3.52
C THR A 624 -21.44 8.06 -4.71
N VAL A 625 -20.79 7.06 -5.32
CA VAL A 625 -19.94 7.28 -6.47
C VAL A 625 -20.24 6.28 -7.56
N ASN A 626 -20.25 6.76 -8.79
CA ASN A 626 -20.37 5.90 -9.96
C ASN A 626 -18.99 5.75 -10.58
N MET A 627 -18.68 4.53 -11.01
CA MET A 627 -17.36 4.20 -11.54
C MET A 627 -17.48 3.64 -12.94
N THR A 628 -16.46 3.92 -13.75
CA THR A 628 -16.27 3.25 -15.02
C THR A 628 -14.77 3.14 -15.25
N GLY A 629 -14.38 2.66 -16.42
CA GLY A 629 -12.96 2.46 -16.75
C GLY A 629 -12.53 1.01 -16.73
N ASN A 630 -11.22 0.80 -16.79
CA ASN A 630 -10.61 -0.53 -16.89
C ASN A 630 -10.34 -1.14 -15.52
N ALA A 631 -11.42 -1.37 -14.78
CA ALA A 631 -11.32 -2.05 -13.51
C ALA A 631 -11.08 -3.54 -13.73
N LEU A 632 -10.59 -4.21 -12.70
CA LEU A 632 -10.75 -5.66 -12.57
C LEU A 632 -11.29 -5.94 -11.17
N ILE A 633 -12.58 -6.25 -11.11
CA ILE A 633 -13.26 -6.46 -9.84
C ILE A 633 -13.17 -7.95 -9.52
N GLN A 634 -12.17 -8.32 -8.75
CA GLN A 634 -11.93 -9.72 -8.45
C GLN A 634 -13.00 -10.31 -7.53
N ASN A 635 -13.68 -9.46 -6.76
CA ASN A 635 -14.85 -9.87 -6.03
C ASN A 635 -15.90 -10.54 -6.93
N ASP A 636 -15.89 -10.21 -8.22
CA ASP A 636 -16.71 -10.87 -9.23
C ASP A 636 -15.93 -12.08 -9.73
N GLY A 637 -16.37 -13.28 -9.35
CA GLY A 637 -15.61 -14.48 -9.66
C GLY A 637 -15.40 -14.73 -11.15
N LYS A 638 -16.38 -14.34 -11.95
CA LYS A 638 -16.33 -14.55 -13.40
C LYS A 638 -15.66 -13.41 -14.16
N ALA A 639 -15.17 -12.38 -13.47
CA ALA A 639 -14.48 -11.27 -14.13
C ALA A 639 -13.07 -11.71 -14.53
N ILE A 640 -12.73 -11.56 -15.81
CA ILE A 640 -11.41 -11.95 -16.30
C ILE A 640 -10.91 -11.01 -17.39
N SER A 641 -11.49 -9.81 -17.46
CA SER A 641 -11.12 -8.85 -18.48
C SER A 641 -11.37 -7.44 -17.96
N LYS A 642 -10.84 -6.44 -18.65
CA LYS A 642 -10.92 -5.07 -18.16
C LYS A 642 -12.37 -4.59 -18.13
N GLY A 643 -12.71 -3.82 -17.11
CA GLY A 643 -14.02 -3.20 -17.01
C GLY A 643 -14.86 -3.73 -15.88
N TYR A 644 -15.88 -2.95 -15.50
CA TYR A 644 -16.90 -3.45 -14.60
C TYR A 644 -17.81 -4.45 -15.31
N ALA A 645 -18.63 -5.14 -14.52
CA ALA A 645 -19.48 -6.20 -15.04
C ALA A 645 -20.38 -5.73 -16.19
N VAL A 646 -20.91 -4.52 -16.09
CA VAL A 646 -21.73 -3.96 -17.17
C VAL A 646 -20.92 -3.83 -18.46
N ALA A 647 -19.63 -3.52 -18.33
CA ALA A 647 -18.77 -3.42 -19.51
C ALA A 647 -18.55 -4.79 -20.11
N HIS A 648 -18.27 -5.79 -19.29
CA HIS A 648 -18.13 -7.16 -19.79
C HIS A 648 -19.36 -7.56 -20.62
N ARG A 649 -20.53 -7.23 -20.10
CA ARG A 649 -21.80 -7.65 -20.72
C ARG A 649 -22.02 -6.92 -22.04
N ALA A 650 -21.77 -5.61 -22.07
CA ALA A 650 -22.06 -4.81 -23.25
C ALA A 650 -21.27 -5.29 -24.47
N ARG A 651 -20.07 -5.84 -24.25
CA ARG A 651 -19.28 -6.36 -25.37
C ARG A 651 -19.93 -7.56 -26.06
N VAL A 652 -20.65 -8.37 -25.29
CA VAL A 652 -21.33 -9.54 -25.83
C VAL A 652 -22.74 -9.20 -26.33
N THR A 653 -23.50 -8.41 -25.57
CA THR A 653 -24.92 -8.25 -25.86
C THR A 653 -25.22 -7.22 -26.96
N SER A 654 -24.31 -6.29 -27.22
CA SER A 654 -24.54 -5.30 -28.28
C SER A 654 -24.79 -5.97 -29.64
N ASN A 655 -25.75 -5.43 -30.38
CA ASN A 655 -26.01 -5.90 -31.74
C ASN A 655 -25.48 -4.93 -32.78
N VAL A 656 -24.69 -3.93 -32.37
CA VAL A 656 -24.16 -2.96 -33.31
C VAL A 656 -22.63 -3.05 -33.32
N TYR A 657 -21.98 -2.70 -32.20
CA TYR A 657 -20.53 -2.64 -32.16
C TYR A 657 -20.00 -2.96 -30.77
N GLY A 658 -19.32 -4.10 -30.65
CA GLY A 658 -18.87 -4.60 -29.35
C GLY A 658 -17.90 -3.72 -28.58
N LYS A 659 -17.12 -2.91 -29.29
CA LYS A 659 -16.11 -2.06 -28.63
C LYS A 659 -16.61 -0.64 -28.35
N ALA A 660 -17.88 -0.34 -28.57
CA ALA A 660 -18.34 1.05 -28.58
C ALA A 660 -18.02 1.78 -27.28
N ASN A 661 -18.27 1.14 -26.14
CA ASN A 661 -18.00 1.80 -24.86
C ASN A 661 -16.50 1.94 -24.59
N ASP A 662 -15.70 1.04 -25.14
CA ASP A 662 -14.25 1.19 -25.04
C ASP A 662 -13.74 2.39 -25.84
N VAL A 663 -14.35 2.66 -27.00
CA VAL A 663 -14.01 3.85 -27.78
C VAL A 663 -14.41 5.11 -26.99
N SER A 664 -15.61 5.08 -26.43
CA SER A 664 -16.10 6.20 -25.63
C SER A 664 -15.17 6.50 -24.44
N LEU A 665 -14.78 5.45 -23.71
CA LEU A 665 -13.90 5.64 -22.56
C LEU A 665 -12.52 6.19 -22.93
N GLN A 666 -11.97 5.70 -24.03
CA GLN A 666 -10.66 6.17 -24.47
C GLN A 666 -10.71 7.64 -24.89
N ARG A 667 -11.74 8.00 -25.66
CA ARG A 667 -11.91 9.41 -26.03
C ARG A 667 -12.07 10.28 -24.78
N LEU A 668 -12.85 9.80 -23.81
CA LEU A 668 -13.06 10.58 -22.60
C LEU A 668 -11.73 10.82 -21.86
N ALA A 669 -10.95 9.75 -21.65
CA ALA A 669 -9.69 9.89 -20.94
C ALA A 669 -8.67 10.68 -21.73
N GLU A 670 -8.61 10.43 -23.04
CA GLU A 670 -7.61 11.12 -23.85
C GLU A 670 -7.95 12.61 -24.02
N THR A 671 -9.23 12.95 -24.07
CA THR A 671 -9.59 14.35 -24.26
C THR A 671 -9.27 15.15 -22.98
N VAL A 672 -9.64 14.61 -21.83
CA VAL A 672 -9.27 15.24 -20.55
C VAL A 672 -7.75 15.29 -20.43
N TRP A 673 -7.07 14.20 -20.79
CA TRP A 673 -5.60 14.16 -20.73
C TRP A 673 -4.99 15.22 -21.63
N SER A 674 -5.54 15.41 -22.84
CA SER A 674 -4.98 16.38 -23.78
C SER A 674 -5.10 17.81 -23.25
N VAL A 675 -6.26 18.16 -22.72
CA VAL A 675 -6.47 19.47 -22.15
C VAL A 675 -5.45 19.74 -21.03
N VAL A 676 -5.21 18.74 -20.19
CA VAL A 676 -4.30 18.91 -19.07
C VAL A 676 -2.85 18.99 -19.54
N GLU A 677 -2.50 18.18 -20.52
CA GLU A 677 -1.12 18.05 -20.99
C GLU A 677 -0.63 19.31 -21.69
N LYS A 678 -1.53 20.03 -22.35
CA LYS A 678 -1.18 21.32 -22.92
C LYS A 678 -0.64 22.29 -21.86
N ARG A 679 -1.16 22.22 -20.64
CA ARG A 679 -0.69 23.08 -19.56
C ARG A 679 0.45 22.46 -18.75
N LEU A 680 0.44 21.14 -18.60
CA LEU A 680 1.34 20.44 -17.69
C LEU A 680 2.10 19.39 -18.47
N SER A 681 3.24 19.79 -19.03
CA SER A 681 4.01 18.86 -19.84
C SER A 681 4.65 17.73 -19.02
N PHE A 682 4.68 17.87 -17.69
CA PHE A 682 5.20 16.77 -16.88
C PHE A 682 4.29 15.55 -16.87
N MET A 683 3.01 15.72 -17.22
CA MET A 683 2.04 14.63 -17.13
C MET A 683 2.37 13.47 -18.08
N PRO A 684 2.61 13.73 -19.39
CA PRO A 684 3.04 12.61 -20.24
C PRO A 684 4.39 12.00 -19.82
N ALA A 685 5.29 12.81 -19.26
CA ALA A 685 6.54 12.28 -18.71
C ALA A 685 6.25 11.32 -17.55
N TYR A 686 5.31 11.67 -16.69
CA TYR A 686 4.94 10.81 -15.57
C TYR A 686 4.31 9.52 -16.10
N ARG A 687 3.44 9.64 -17.08
CA ARG A 687 2.84 8.46 -17.72
C ARG A 687 3.93 7.53 -18.31
N ASP A 688 4.82 8.10 -19.10
CA ASP A 688 5.87 7.29 -19.72
C ASP A 688 6.78 6.64 -18.69
N LEU A 689 6.92 7.27 -17.52
CA LEU A 689 7.83 6.75 -16.51
C LEU A 689 7.24 5.59 -15.70
N VAL A 690 5.98 5.66 -15.34
CA VAL A 690 5.43 4.71 -14.36
C VAL A 690 4.63 3.54 -14.95
N ILE A 691 4.18 3.64 -16.19
CA ILE A 691 3.34 2.59 -16.77
C ILE A 691 4.25 1.63 -17.52
N THR A 692 4.21 0.35 -17.17
CA THR A 692 5.04 -0.64 -17.86
C THR A 692 4.46 -0.98 -19.23
N GLU A 693 5.26 -1.66 -20.07
CA GLU A 693 4.76 -2.16 -21.33
C GLU A 693 3.56 -3.08 -21.12
N GLN A 694 3.59 -3.85 -20.04
CA GLN A 694 2.51 -4.78 -19.71
C GLN A 694 1.29 -4.05 -19.17
N GLY A 695 1.46 -2.84 -18.64
CA GLY A 695 0.32 -2.10 -18.10
C GLY A 695 -0.37 -1.28 -19.16
N LYS A 696 0.36 -0.87 -20.18
CA LYS A 696 -0.16 0.05 -21.19
C LYS A 696 -1.50 -0.33 -21.85
N PRO A 697 -1.73 -1.62 -22.19
CA PRO A 697 -3.01 -1.94 -22.82
C PRO A 697 -4.21 -1.79 -21.91
N PHE A 698 -3.98 -1.68 -20.59
CA PHE A 698 -5.06 -1.58 -19.62
C PHE A 698 -5.24 -0.17 -19.06
N MET A 699 -4.50 0.79 -19.59
CA MET A 699 -4.85 2.19 -19.38
C MET A 699 -5.90 2.62 -20.41
N LEU A 700 -6.55 3.74 -20.14
CA LEU A 700 -7.52 4.29 -21.09
C LEU A 700 -6.76 5.14 -22.09
N GLY A 701 -6.55 4.60 -23.29
CA GLY A 701 -5.77 5.32 -24.27
C GLY A 701 -4.38 5.62 -23.78
N ALA A 702 -3.76 6.63 -24.37
CA ALA A 702 -2.37 7.00 -24.09
C ALA A 702 -2.30 7.97 -22.90
N THR A 703 -2.83 7.51 -21.75
CA THR A 703 -2.93 8.30 -20.54
C THR A 703 -2.45 7.48 -19.36
N ALA A 704 -2.37 8.12 -18.20
CA ALA A 704 -2.14 7.45 -16.94
C ALA A 704 -3.44 7.29 -16.15
N THR A 705 -4.57 7.24 -16.86
CA THR A 705 -5.88 6.99 -16.27
C THR A 705 -6.36 5.58 -16.60
N ASN A 706 -6.80 4.83 -15.59
CA ASN A 706 -7.53 3.59 -15.82
C ASN A 706 -8.94 3.55 -15.24
N ILE A 707 -9.24 4.44 -14.27
CA ILE A 707 -10.54 4.50 -13.63
C ILE A 707 -11.06 5.94 -13.65
N ILE A 708 -12.37 6.08 -13.86
CA ILE A 708 -13.03 7.38 -13.93
C ILE A 708 -14.24 7.32 -13.01
N SER A 709 -14.38 8.30 -12.14
CA SER A 709 -15.54 8.35 -11.25
C SER A 709 -16.54 9.41 -11.71
N LEU A 710 -17.70 9.42 -11.09
CA LEU A 710 -18.71 10.43 -11.38
C LEU A 710 -19.62 10.57 -10.19
N THR A 711 -19.76 11.80 -9.68
CA THR A 711 -20.59 12.12 -8.53
C THR A 711 -21.55 13.23 -8.90
N GLU A 712 -22.71 13.22 -8.24
CA GLU A 712 -23.80 14.12 -8.51
C GLU A 712 -24.14 14.83 -7.20
N ASN A 713 -23.84 16.13 -7.13
CA ASN A 713 -24.08 16.96 -5.94
C ASN A 713 -23.59 16.31 -4.63
N GLN A 714 -22.41 15.73 -4.66
CA GLN A 714 -21.88 14.98 -3.50
C GLN A 714 -20.74 15.73 -2.83
N GLY A 715 -20.81 15.81 -1.51
CA GLY A 715 -19.64 16.13 -0.70
C GLY A 715 -18.79 14.88 -0.46
N VAL A 716 -17.55 15.11 -0.05
CA VAL A 716 -16.60 14.04 0.23
C VAL A 716 -15.74 14.47 1.40
N MET A 717 -15.68 13.63 2.44
CA MET A 717 -14.84 13.95 3.60
C MET A 717 -13.37 14.13 3.20
N LEU A 718 -12.66 14.94 3.98
CA LEU A 718 -11.22 15.12 3.79
C LEU A 718 -10.49 13.77 3.91
N HIS A 719 -9.57 13.50 2.99
CA HIS A 719 -8.91 12.20 2.90
C HIS A 719 -7.70 12.27 1.98
N LEU A 720 -6.97 11.15 1.95
CA LEU A 720 -5.95 10.87 0.94
C LEU A 720 -6.35 9.63 0.15
N ASP A 721 -5.90 9.54 -1.10
CA ASP A 721 -6.12 8.37 -1.95
C ASP A 721 -4.81 7.58 -2.06
N THR A 722 -4.58 6.68 -1.12
CA THR A 722 -3.29 6.01 -0.99
C THR A 722 -2.99 4.98 -2.09
N ASP A 723 -4.02 4.38 -2.68
CA ASP A 723 -3.82 3.32 -3.69
C ASP A 723 -3.89 3.85 -5.13
N ASP A 724 -3.69 5.15 -5.33
CA ASP A 724 -3.76 5.75 -6.66
C ASP A 724 -2.39 6.23 -7.09
N GLY A 725 -2.33 6.83 -8.29
CA GLY A 725 -1.10 7.27 -8.88
C GLY A 725 -0.50 8.51 -8.23
N VAL A 726 0.50 9.06 -8.90
CA VAL A 726 1.25 10.18 -8.35
C VAL A 726 0.43 11.46 -8.45
N TRP A 727 -0.30 11.63 -9.55
CA TRP A 727 -1.16 12.79 -9.74
C TRP A 727 -2.52 12.31 -10.20
N THR A 728 -3.55 13.02 -9.75
CA THR A 728 -4.95 12.70 -10.06
C THR A 728 -5.58 13.93 -10.71
N ILE A 729 -6.51 13.69 -11.63
CA ILE A 729 -7.24 14.78 -12.30
C ILE A 729 -8.69 14.75 -11.81
N ILE A 730 -9.18 15.90 -11.36
CA ILE A 730 -10.61 16.05 -11.06
C ILE A 730 -11.17 17.21 -11.88
N LEU A 731 -12.36 17.01 -12.46
CA LEU A 731 -13.09 18.04 -13.20
C LEU A 731 -14.52 18.11 -12.71
N TRP A 732 -15.16 19.24 -13.02
CA TRP A 732 -16.57 19.45 -12.74
C TRP A 732 -17.24 20.13 -13.94
N PHE A 733 -18.52 19.86 -14.10
CA PHE A 733 -19.37 20.63 -15.02
C PHE A 733 -20.80 20.58 -14.53
N HIS A 734 -21.61 21.49 -15.03
CA HIS A 734 -22.93 21.73 -14.48
C HIS A 734 -24.02 21.56 -15.50
N ARG A 735 -25.18 21.10 -15.03
CA ARG A 735 -26.39 20.92 -15.84
C ARG A 735 -27.54 21.58 -15.10
N HIS A 736 -28.36 22.32 -15.84
CA HIS A 736 -29.55 23.05 -15.33
C HIS A 736 -29.15 24.29 -14.58
N SER A 737 -30.10 25.19 -14.36
CA SER A 737 -29.77 26.43 -13.66
C SER A 737 -30.05 26.28 -12.17
N GLY A 738 -29.55 27.24 -11.42
CA GLY A 738 -29.81 27.27 -9.98
C GLY A 738 -28.64 27.83 -9.23
N ILE A 739 -28.73 27.72 -7.91
CA ILE A 739 -27.74 28.27 -7.00
C ILE A 739 -27.19 27.13 -6.16
N ILE A 740 -25.87 27.08 -6.02
CA ILE A 740 -25.21 26.10 -5.17
C ILE A 740 -24.56 26.84 -4.01
N ALA A 741 -24.84 26.38 -2.79
CA ALA A 741 -24.13 26.82 -1.60
C ALA A 741 -23.22 25.70 -1.13
N GLY A 742 -22.03 26.06 -0.69
CA GLY A 742 -21.08 25.05 -0.28
C GLY A 742 -20.58 24.26 -1.48
N GLY A 743 -20.25 23.01 -1.23
CA GLY A 743 -19.67 22.17 -2.25
C GLY A 743 -18.27 22.54 -2.69
N GLU A 744 -17.55 23.39 -1.96
CA GLU A 744 -16.19 23.77 -2.36
C GLU A 744 -15.26 22.55 -2.37
N PHE A 745 -14.29 22.55 -3.29
CA PHE A 745 -13.14 21.65 -3.20
C PHE A 745 -12.12 22.34 -2.30
N VAL A 746 -11.59 21.60 -1.33
CA VAL A 746 -10.78 22.18 -0.27
C VAL A 746 -9.45 21.44 -0.21
N LEU A 747 -8.35 22.19 -0.27
CA LEU A 747 -7.01 21.66 -0.08
C LEU A 747 -6.44 22.30 1.19
N PRO A 748 -6.84 21.80 2.38
CA PRO A 748 -6.55 22.54 3.61
C PRO A 748 -5.08 22.61 3.99
N SER A 749 -4.25 21.69 3.48
CA SER A 749 -2.83 21.78 3.78
C SER A 749 -2.12 22.82 2.91
N LEU A 750 -2.70 23.17 1.76
CA LEU A 750 -2.28 24.32 0.97
C LEU A 750 -2.99 25.59 1.37
N GLY A 751 -4.00 25.47 2.23
CA GLY A 751 -4.75 26.63 2.71
C GLY A 751 -5.60 27.31 1.65
N ILE A 752 -6.18 26.53 0.73
CA ILE A 752 -7.02 27.10 -0.32
C ILE A 752 -8.25 26.24 -0.56
N SER A 753 -9.24 26.86 -1.18
CA SER A 753 -10.47 26.22 -1.58
C SER A 753 -10.95 26.95 -2.83
N PHE A 754 -11.88 26.35 -3.54
CA PHE A 754 -12.50 27.02 -4.68
C PHE A 754 -13.83 26.38 -5.02
N GLN A 755 -14.71 27.18 -5.63
CA GLN A 755 -15.92 26.74 -6.32
C GLN A 755 -15.56 26.42 -7.78
N PRO A 756 -15.94 25.22 -8.27
CA PRO A 756 -15.75 24.95 -9.69
C PRO A 756 -16.72 25.78 -10.52
N LEU A 757 -16.26 26.27 -11.67
CA LEU A 757 -17.04 27.21 -12.48
C LEU A 757 -17.52 26.52 -13.76
N ASP A 758 -17.37 27.11 -14.94
CA ASP A 758 -17.82 26.47 -16.18
C ASP A 758 -17.21 25.08 -16.34
N PHE A 759 -15.90 25.00 -16.17
CA PHE A 759 -15.16 23.76 -16.38
C PHE A 759 -13.80 23.88 -15.71
N THR A 760 -13.80 23.80 -14.39
CA THR A 760 -12.60 23.82 -13.59
C THR A 760 -11.98 22.41 -13.56
N ILE A 761 -10.65 22.36 -13.64
CA ILE A 761 -9.91 21.11 -13.45
C ILE A 761 -8.84 21.34 -12.38
N VAL A 762 -8.68 20.36 -11.48
CA VAL A 762 -7.54 20.36 -10.56
C VAL A 762 -6.73 19.09 -10.83
N VAL A 763 -5.42 19.26 -10.88
CA VAL A 763 -4.47 18.16 -11.01
C VAL A 763 -3.60 18.27 -9.78
N PHE A 764 -3.54 17.20 -9.00
CA PHE A 764 -2.83 17.28 -7.73
C PHE A 764 -2.37 15.90 -7.26
N ALA A 765 -1.42 15.89 -6.33
CA ALA A 765 -0.86 14.68 -5.75
C ALA A 765 -1.80 14.09 -4.69
N ALA A 766 -2.75 13.26 -5.14
CA ALA A 766 -3.85 12.82 -4.26
C ALA A 766 -3.41 11.83 -3.20
N ASN A 767 -2.27 11.20 -3.39
CA ASN A 767 -1.73 10.33 -2.37
C ASN A 767 -0.99 11.09 -1.25
N THR A 768 -0.69 12.38 -1.43
CA THR A 768 0.04 13.11 -0.40
C THR A 768 -0.51 14.49 -0.02
N ILE A 769 -1.58 14.96 -0.66
CA ILE A 769 -2.24 16.20 -0.28
C ILE A 769 -3.63 15.87 0.19
N VAL A 770 -3.92 16.13 1.46
CA VAL A 770 -5.27 15.90 1.97
C VAL A 770 -6.25 16.83 1.23
N HIS A 771 -7.43 16.31 0.92
CA HIS A 771 -8.42 17.05 0.14
C HIS A 771 -9.82 16.49 0.35
N GLY A 772 -10.81 17.29 -0.04
CA GLY A 772 -12.19 16.87 0.07
C GLY A 772 -13.11 17.90 -0.54
N THR A 773 -14.40 17.59 -0.51
CA THR A 773 -15.44 18.44 -1.05
C THR A 773 -16.50 18.70 0.01
N ARG A 774 -16.75 19.96 0.34
CA ARG A 774 -17.75 20.27 1.35
C ARG A 774 -19.15 19.83 0.88
N PRO A 775 -20.04 19.49 1.81
CA PRO A 775 -21.43 19.23 1.40
C PRO A 775 -22.03 20.45 0.73
N LEU A 776 -23.01 20.26 -0.13
CA LEU A 776 -23.64 21.37 -0.80
C LEU A 776 -25.15 21.39 -0.59
N GLN A 777 -25.74 22.57 -0.76
CA GLN A 777 -27.19 22.73 -0.83
C GLN A 777 -27.49 23.46 -2.12
N THR A 778 -28.59 23.10 -2.76
CA THR A 778 -28.95 23.71 -4.04
C THR A 778 -30.32 24.33 -3.98
N THR A 779 -30.50 25.33 -4.83
CA THR A 779 -31.80 25.90 -5.16
C THR A 779 -31.96 25.72 -6.66
N GLY A 780 -33.13 25.25 -7.08
CA GLY A 780 -33.38 24.95 -8.48
C GLY A 780 -32.92 23.57 -8.89
N LYS A 781 -32.90 23.32 -10.19
CA LYS A 781 -32.59 22.00 -10.72
C LYS A 781 -31.08 21.72 -10.84
N ILE A 782 -30.23 22.73 -10.61
CA ILE A 782 -28.78 22.65 -10.82
C ILE A 782 -28.19 21.31 -10.34
N ILE A 783 -27.39 20.68 -11.18
CA ILE A 783 -26.59 19.52 -10.79
C ILE A 783 -25.11 19.83 -11.05
N ARG A 784 -24.28 19.66 -10.02
CA ARG A 784 -22.84 19.70 -10.17
C ARG A 784 -22.33 18.26 -10.31
N TRP A 785 -21.82 17.94 -11.50
CA TRP A 785 -21.17 16.65 -11.78
C TRP A 785 -19.67 16.78 -11.52
N GLY A 786 -19.15 15.94 -10.63
CA GLY A 786 -17.72 15.87 -10.38
C GLY A 786 -17.19 14.54 -10.86
N SER A 787 -15.92 14.51 -11.26
CA SER A 787 -15.34 13.31 -11.82
C SER A 787 -13.84 13.27 -11.65
N SER A 788 -13.34 12.16 -11.13
CA SER A 788 -11.92 11.97 -10.97
C SER A 788 -11.41 11.05 -12.07
N HIS A 789 -10.31 11.42 -12.72
CA HIS A 789 -9.58 10.47 -13.57
C HIS A 789 -8.33 10.09 -12.81
N PHE A 790 -8.17 8.80 -12.52
CA PHE A 790 -7.04 8.39 -11.72
C PHE A 790 -6.49 7.04 -12.11
N LEU A 791 -5.33 6.75 -11.54
CA LEU A 791 -4.65 5.47 -11.73
C LEU A 791 -4.85 4.66 -10.47
N ARG A 792 -5.64 3.59 -10.56
CA ARG A 792 -5.79 2.64 -9.45
C ARG A 792 -4.91 1.45 -9.79
N PHE A 793 -3.76 1.36 -9.14
CA PHE A 793 -2.72 0.51 -9.68
C PHE A 793 -2.98 -0.99 -9.48
N LYS A 794 -3.80 -1.37 -8.50
CA LYS A 794 -4.05 -2.78 -8.29
C LYS A 794 -4.74 -3.42 -9.50
N ASP A 795 -5.62 -2.66 -10.16
CA ASP A 795 -6.35 -3.20 -11.32
C ASP A 795 -5.41 -3.41 -12.50
N VAL A 796 -4.58 -2.41 -12.78
CA VAL A 796 -3.65 -2.52 -13.90
C VAL A 796 -2.63 -3.63 -13.64
N ASN A 797 -2.20 -3.80 -12.39
CA ASN A 797 -1.28 -4.90 -12.06
C ASN A 797 -1.94 -6.26 -12.29
N ALA A 798 -3.14 -6.45 -11.76
CA ALA A 798 -3.86 -7.70 -11.94
C ALA A 798 -4.17 -7.98 -13.43
N LEU A 799 -4.52 -6.93 -14.18
CA LEU A 799 -4.80 -7.10 -15.60
C LEU A 799 -3.55 -7.41 -16.39
N ALA A 800 -2.46 -6.69 -16.12
CA ALA A 800 -1.15 -7.00 -16.70
C ALA A 800 -0.77 -8.46 -16.40
N GLN A 801 -1.05 -8.91 -15.19
CA GLN A 801 -0.74 -10.29 -14.84
C GLN A 801 -1.64 -11.26 -15.61
N LEU A 802 -2.93 -10.94 -15.71
CA LEU A 802 -3.83 -11.73 -16.56
C LEU A 802 -3.38 -11.73 -18.01
N GLY A 803 -2.91 -10.59 -18.49
CA GLY A 803 -2.40 -10.51 -19.87
C GLY A 803 -1.21 -11.42 -20.11
N ALA A 804 -0.31 -11.50 -19.13
CA ALA A 804 0.88 -12.33 -19.30
C ALA A 804 0.54 -13.81 -19.24
N ALA A 805 -0.51 -14.14 -18.49
CA ALA A 805 -0.88 -15.54 -18.30
C ALA A 805 -1.65 -16.07 -19.52
N TYR A 806 -2.58 -15.28 -20.04
CA TYR A 806 -3.47 -15.76 -21.10
C TYR A 806 -3.33 -15.08 -22.45
N GLY A 807 -2.66 -13.93 -22.51
CA GLY A 807 -2.59 -13.15 -23.75
C GLY A 807 -3.59 -12.02 -23.66
N VAL A 808 -3.16 -10.81 -24.00
CA VAL A 808 -4.01 -9.63 -23.84
C VAL A 808 -5.31 -9.78 -24.64
N ASP A 809 -5.20 -10.23 -25.89
CA ASP A 809 -6.36 -10.30 -26.77
C ASP A 809 -7.28 -11.48 -26.45
N GLU A 810 -6.80 -12.46 -25.71
CA GLU A 810 -7.61 -13.63 -25.36
C GLU A 810 -8.58 -13.34 -24.21
N LEU A 811 -8.41 -12.22 -23.51
CA LEU A 811 -9.25 -11.95 -22.34
C LEU A 811 -10.72 -11.73 -22.71
N ASP A 812 -10.98 -11.08 -23.83
CA ASP A 812 -12.37 -10.91 -24.27
C ASP A 812 -13.02 -12.25 -24.55
N ALA A 813 -12.28 -13.16 -25.17
CA ALA A 813 -12.81 -14.48 -25.50
C ALA A 813 -13.09 -15.30 -24.24
N LYS A 814 -12.14 -15.28 -23.31
CA LYS A 814 -12.36 -15.92 -22.01
C LYS A 814 -13.54 -15.28 -21.29
N GLN A 815 -13.62 -13.95 -21.33
CA GLN A 815 -14.72 -13.26 -20.64
C GLN A 815 -16.07 -13.67 -21.23
N ARG A 816 -16.16 -13.73 -22.55
CA ARG A 816 -17.40 -14.18 -23.21
C ARG A 816 -17.73 -15.62 -22.80
N ASP A 817 -16.73 -16.49 -22.79
CA ASP A 817 -16.99 -17.89 -22.43
C ASP A 817 -17.47 -18.02 -20.98
N GLN A 818 -16.85 -17.26 -20.09
CA GLN A 818 -17.19 -17.35 -18.67
C GLN A 818 -18.59 -16.79 -18.40
N LEU A 819 -18.96 -15.69 -19.05
CA LEU A 819 -20.33 -15.22 -18.98
C LEU A 819 -21.33 -16.28 -19.45
N GLU A 820 -21.01 -16.96 -20.57
CA GLU A 820 -21.90 -17.97 -21.13
C GLU A 820 -22.03 -19.19 -20.23
N GLU A 821 -20.90 -19.66 -19.71
CA GLU A 821 -20.90 -20.83 -18.82
C GLU A 821 -21.65 -20.55 -17.51
N VAL A 822 -21.65 -19.29 -17.07
CA VAL A 822 -22.33 -18.96 -15.81
C VAL A 822 -23.83 -18.81 -16.07
N ASP A 823 -24.20 -18.16 -17.17
CA ASP A 823 -25.60 -18.10 -17.57
C ASP A 823 -26.18 -19.50 -17.76
N ALA A 824 -25.42 -20.36 -18.44
CA ALA A 824 -25.89 -21.72 -18.72
C ALA A 824 -26.23 -22.44 -17.41
N ALA A 825 -25.31 -22.41 -16.45
CA ALA A 825 -25.54 -23.06 -15.16
C ALA A 825 -26.76 -22.47 -14.46
N ASN A 826 -26.85 -21.15 -14.44
CA ASN A 826 -28.00 -20.48 -13.82
C ASN A 826 -29.31 -20.92 -14.48
N SER A 827 -29.33 -20.94 -15.81
CA SER A 827 -30.55 -21.30 -16.52
C SER A 827 -30.93 -22.77 -16.33
N LYS A 828 -29.93 -23.63 -16.09
CA LYS A 828 -30.13 -25.06 -15.98
C LYS A 828 -30.32 -25.53 -14.54
N ASP A 829 -29.42 -25.12 -13.64
CA ASP A 829 -29.40 -25.65 -12.27
C ASP A 829 -29.54 -24.59 -11.19
N GLY A 830 -29.85 -23.34 -11.57
CA GLY A 830 -30.19 -22.33 -10.59
C GLY A 830 -29.04 -21.47 -10.10
N VAL A 831 -29.38 -20.53 -9.24
CA VAL A 831 -28.46 -19.49 -8.81
C VAL A 831 -27.26 -20.06 -8.06
N GLY A 832 -27.51 -21.03 -7.19
CA GLY A 832 -26.46 -21.64 -6.39
C GLY A 832 -25.43 -22.38 -7.23
N ALA A 833 -25.85 -22.93 -8.36
CA ALA A 833 -24.90 -23.58 -9.26
C ALA A 833 -24.07 -22.53 -10.00
N ALA A 834 -24.70 -21.44 -10.43
CA ALA A 834 -23.98 -20.37 -11.11
C ALA A 834 -22.92 -19.76 -10.18
N ARG A 835 -23.26 -19.58 -8.91
CA ARG A 835 -22.28 -19.10 -7.94
C ARG A 835 -21.12 -20.09 -7.77
N ARG A 836 -21.39 -21.38 -7.96
CA ARG A 836 -20.34 -22.39 -7.83
C ARG A 836 -19.41 -22.37 -9.05
N VAL A 837 -19.98 -22.17 -10.23
CA VAL A 837 -19.17 -22.00 -11.44
C VAL A 837 -18.25 -20.78 -11.28
N ALA A 838 -18.80 -19.67 -10.76
CA ALA A 838 -18.01 -18.44 -10.66
C ALA A 838 -16.88 -18.58 -9.63
N SER A 839 -17.16 -19.22 -8.51
CA SER A 839 -16.10 -19.48 -7.51
C SER A 839 -14.97 -20.30 -8.11
N CYS A 840 -15.31 -21.28 -8.95
CA CYS A 840 -14.30 -22.06 -9.66
C CYS A 840 -13.46 -21.17 -10.58
N MET A 841 -14.14 -20.34 -11.36
CA MET A 841 -13.45 -19.38 -12.21
C MET A 841 -12.53 -18.49 -11.37
N ALA A 842 -12.98 -18.05 -10.20
CA ALA A 842 -12.17 -17.16 -9.37
C ALA A 842 -10.86 -17.84 -8.95
N ALA A 843 -10.93 -19.09 -8.51
CA ALA A 843 -9.72 -19.79 -8.05
C ALA A 843 -8.78 -20.08 -9.22
N GLU A 844 -9.34 -20.40 -10.38
CA GLU A 844 -8.52 -20.51 -11.58
C GLU A 844 -7.83 -19.17 -11.88
N ARG A 845 -8.60 -18.10 -11.90
CA ARG A 845 -8.05 -16.76 -12.11
C ARG A 845 -6.97 -16.45 -11.05
N LYS A 846 -7.29 -16.66 -9.79
CA LYS A 846 -6.35 -16.35 -8.71
C LYS A 846 -5.01 -17.05 -8.89
N ALA A 847 -5.06 -18.35 -9.21
CA ALA A 847 -3.83 -19.12 -9.38
C ALA A 847 -2.97 -18.57 -10.51
N ALA A 848 -3.60 -18.21 -11.62
CA ALA A 848 -2.88 -17.62 -12.76
C ALA A 848 -2.25 -16.29 -12.40
N ILE A 849 -3.01 -15.43 -11.71
CA ILE A 849 -2.47 -14.12 -11.32
C ILE A 849 -1.27 -14.28 -10.37
N GLU A 850 -1.43 -15.09 -9.33
CA GLU A 850 -0.33 -15.28 -8.38
C GLU A 850 0.95 -15.76 -9.08
N ALA A 851 0.82 -16.70 -10.01
CA ALA A 851 2.00 -17.17 -10.75
C ALA A 851 2.67 -16.03 -11.52
N GLN A 852 1.88 -15.19 -12.17
CA GLN A 852 2.48 -14.07 -12.89
C GLN A 852 3.03 -13.04 -11.91
N LYS A 853 2.31 -12.81 -10.82
CA LYS A 853 2.80 -11.94 -9.77
C LYS A 853 4.11 -12.47 -9.19
N ALA A 854 4.17 -13.78 -8.96
CA ALA A 854 5.43 -14.39 -8.51
C ALA A 854 6.55 -14.18 -9.52
N ALA A 855 6.21 -14.03 -10.80
CA ALA A 855 7.22 -13.77 -11.82
C ALA A 855 7.55 -12.29 -11.96
N CYS A 856 7.08 -11.46 -11.02
CA CYS A 856 7.32 -10.03 -11.03
C CYS A 856 6.70 -9.32 -12.23
N VAL A 857 5.62 -9.86 -12.78
CA VAL A 857 4.91 -9.13 -13.85
C VAL A 857 4.17 -7.96 -13.21
N ARG A 858 4.33 -6.78 -13.80
CA ARG A 858 3.81 -5.54 -13.23
C ARG A 858 3.17 -4.67 -14.30
N GLY A 859 2.07 -4.02 -13.93
CA GLY A 859 1.46 -2.97 -14.77
C GLY A 859 2.02 -1.57 -14.57
N VAL A 860 2.49 -1.27 -13.35
CA VAL A 860 3.07 0.02 -12.99
C VAL A 860 4.31 -0.20 -12.12
N VAL A 861 5.20 0.79 -12.08
CA VAL A 861 6.32 0.74 -11.14
C VAL A 861 5.81 1.17 -9.77
N MET A 862 6.28 0.51 -8.73
CA MET A 862 5.77 0.75 -7.39
C MET A 862 6.90 0.66 -6.39
N ASN A 863 6.77 1.44 -5.32
CA ASN A 863 7.78 1.46 -4.27
C ASN A 863 7.80 0.08 -3.59
N PRO A 864 8.93 -0.65 -3.69
CA PRO A 864 9.03 -1.93 -2.99
C PRO A 864 8.80 -1.85 -1.49
N CYS A 865 9.23 -0.77 -0.85
CA CYS A 865 9.06 -0.59 0.59
C CYS A 865 7.59 -0.39 0.96
N THR A 866 6.96 0.62 0.38
CA THR A 866 5.60 1.01 0.78
C THR A 866 4.49 0.24 0.07
N GLY A 867 4.83 -0.48 -1.00
CA GLY A 867 3.80 -1.05 -1.87
C GLY A 867 2.90 -0.01 -2.52
N ARG A 868 3.38 1.22 -2.66
CA ARG A 868 2.60 2.28 -3.29
C ARG A 868 3.47 3.04 -4.28
N MET A 869 2.87 4.01 -4.94
CA MET A 869 3.57 4.78 -5.95
C MET A 869 4.33 5.92 -5.26
N PRO A 870 5.31 6.52 -5.94
CA PRO A 870 6.09 7.57 -5.27
C PRO A 870 5.22 8.73 -4.80
N SER A 871 5.69 9.46 -3.79
CA SER A 871 4.92 10.58 -3.28
C SER A 871 4.89 11.74 -4.27
N LEU A 872 5.97 11.89 -5.05
CA LEU A 872 6.05 12.90 -6.09
C LEU A 872 7.13 12.47 -7.07
N LEU A 873 7.20 13.15 -8.21
CA LEU A 873 8.24 12.88 -9.21
C LEU A 873 8.79 14.18 -9.76
N PHE A 874 9.96 14.09 -10.40
CA PHE A 874 10.58 15.18 -11.14
C PHE A 874 11.06 16.34 -10.25
N TRP A 875 11.52 16.00 -9.05
CA TRP A 875 12.17 16.97 -8.16
C TRP A 875 13.31 17.70 -8.87
N GLN A 876 13.36 19.03 -8.69
CA GLN A 876 14.42 19.85 -9.22
C GLN A 876 15.18 20.53 -8.09
N VAL A 877 16.46 20.21 -7.97
CA VAL A 877 17.33 20.82 -6.97
C VAL A 877 17.78 22.21 -7.44
N TRP A 878 17.76 23.17 -6.52
CA TRP A 878 18.19 24.53 -6.81
C TRP A 878 19.39 24.88 -5.91
N ARG A 879 20.42 25.49 -6.50
CA ARG A 879 21.63 25.87 -5.75
C ARG A 879 22.18 27.18 -6.32
N LYS A 880 22.41 28.14 -5.42
CA LYS A 880 22.93 29.46 -5.79
C LYS A 880 24.21 29.72 -4.98
N PRO A 881 25.37 29.33 -5.52
CA PRO A 881 26.65 29.72 -4.91
C PRO A 881 27.05 31.15 -5.29
#